data_1MOX
#
_entry.id   1MOX
#
_cell.length_a   51.59
_cell.length_b   198.71
_cell.length_c   78.90
_cell.angle_alpha   90.
_cell.angle_beta   102.03
_cell.angle_gamma   90.
#
_symmetry.space_group_name_H-M   'P 1 21 1'
#
loop_
_entity.id
_entity.type
_entity.pdbx_description
1 polymer 'Epidermal Growth Factor Receptor'
2 polymer 'Transforming Growth Factor alpha'
3 branched 2-acetamido-2-deoxy-beta-D-glucopyranose-(1-4)-[alpha-L-fucopyranose-(1-6)]2-acetamido-2-deoxy-beta-D-glucopyranose
4 branched alpha-D-mannopyranose-(1-3)-beta-D-mannopyranose-(1-4)-2-acetamido-2-deoxy-beta-D-glucopyranose-(1-4)-2-acetamido-2-deoxy-beta-D-glucopyranose
5 branched beta-D-mannopyranose-(1-4)-2-acetamido-2-deoxy-beta-D-glucopyranose-(1-4)-[alpha-L-fucopyranose-(1-6)]2-acetamido-2-deoxy-beta-D-glucopyranose
6 branched 2-acetamido-2-deoxy-beta-D-glucopyranose-(1-4)-2-acetamido-2-deoxy-beta-D-glucopyranose
7 non-polymer 'PLATINUM (II) ION'
8 non-polymer 'CADMIUM ION'
9 non-polymer 'CHLORIDE ION'
10 non-polymer 2-acetamido-2-deoxy-beta-D-glucopyranose
11 water water
#
loop_
_entity_poly.entity_id
_entity_poly.type
_entity_poly.pdbx_seq_one_letter_code
_entity_poly.pdbx_strand_id
1 'polypeptide(L)'
;LEEKKVCQGTSNKLTQLGTFEDHFLSLQRMFNNCEVVLGNLEITYVQRNYDLSFLKTIQEVAGYVLIALNTVERIPLENL
QIIRGNMYYENSYALAVLSNYDANKTGLKELPMRNLQEILHGAVRFSNNPALCNVESIQWRDIVSSDFLSNMSMDFQNHL
GSCQKCDPSCPNGSCWGAGEENCQKLTKIICAQQCSGRCRGKSPSDCCHNQCAAGCTGPRESDCLVCRKFRDEATCKDTC
PPLMLYNPTTYQMDVNPEGKYSFGATCVKKCPRNYVVTDHGSCVRACGADSYEMEEDGVRKCKKCEGPCRKVCNGIGIGE
FKDSLSINATNIKHFKNCTSISGDLHILPVAFRGDSFTHTPPLDPQELDILKTVKEITGFLLIQAWPENRTDLHAFENLE
IIRGRTKQHGQFSLAVVSLNITSLGLRSLKEISDGDVIISGNKNLCYANTINWKKLFGTSGQKTKIISNRGENSCKATGQ
VCHALCSPEGCWGPEPRDCVS
;
A,B
2 'polypeptide(L)' VVSHFNDCPDSHTQFCFHGTCRFLVQEDKPACVCHSGYVGARCEHADLLA C,D
#
loop_
_chem_comp.id
_chem_comp.type
_chem_comp.name
_chem_comp.formula
BMA D-saccharide, beta linking beta-D-mannopyranose 'C6 H12 O6'
CD non-polymer 'CADMIUM ION' 'Cd 2'
CL non-polymer 'CHLORIDE ION' 'Cl -1'
FUC L-saccharide, alpha linking alpha-L-fucopyranose 'C6 H12 O5'
MAN D-saccharide, alpha linking alpha-D-mannopyranose 'C6 H12 O6'
NAG D-saccharide, beta linking 2-acetamido-2-deoxy-beta-D-glucopyranose 'C8 H15 N O6'
PT non-polymer 'PLATINUM (II) ION' 'Pt 2'
#
# COMPACT_ATOMS: atom_id res chain seq x y z
N LEU A 1 -12.69 18.86 -3.82
CA LEU A 1 -12.53 20.19 -4.47
C LEU A 1 -13.64 20.43 -5.51
N GLU A 2 -14.19 19.33 -6.03
CA GLU A 2 -15.26 19.37 -7.02
C GLU A 2 -16.14 18.13 -6.84
N GLU A 3 -17.04 18.21 -5.86
CA GLU A 3 -17.94 17.12 -5.48
C GLU A 3 -18.62 16.30 -6.59
N LYS A 4 -19.93 16.56 -6.77
CA LYS A 4 -20.80 15.88 -7.75
C LYS A 4 -22.02 15.28 -7.04
N LYS A 5 -23.18 15.92 -7.22
CA LYS A 5 -24.43 15.48 -6.62
C LYS A 5 -24.60 13.97 -6.69
N VAL A 6 -24.58 13.30 -5.54
CA VAL A 6 -24.71 11.84 -5.51
C VAL A 6 -26.05 11.46 -4.90
N CYS A 7 -26.56 10.28 -5.26
CA CYS A 7 -27.81 9.79 -4.71
C CYS A 7 -27.83 8.27 -4.53
N GLN A 8 -28.82 7.82 -3.75
CA GLN A 8 -28.98 6.41 -3.39
C GLN A 8 -29.13 5.38 -4.50
N GLY A 9 -30.33 5.29 -5.06
CA GLY A 9 -30.59 4.31 -6.10
C GLY A 9 -31.73 3.43 -5.62
N THR A 10 -32.14 2.47 -6.43
CA THR A 10 -33.26 1.60 -6.04
C THR A 10 -33.07 0.12 -6.41
N SER A 11 -33.94 -0.73 -5.87
CA SER A 11 -33.90 -2.17 -6.12
C SER A 11 -35.31 -2.78 -6.19
N ASN A 12 -36.21 -2.14 -6.92
CA ASN A 12 -37.58 -2.60 -7.03
C ASN A 12 -37.76 -3.51 -8.24
N LYS A 13 -36.69 -3.73 -8.99
CA LYS A 13 -36.76 -4.54 -10.19
C LYS A 13 -38.00 -4.20 -11.02
N LEU A 14 -38.85 -5.20 -11.26
CA LEU A 14 -40.04 -4.96 -12.08
C LEU A 14 -41.30 -4.61 -11.31
N THR A 15 -41.15 -4.31 -10.03
CA THR A 15 -42.31 -3.93 -9.21
C THR A 15 -42.79 -2.49 -9.44
N GLN A 16 -44.09 -2.29 -9.29
CA GLN A 16 -44.66 -0.97 -9.44
C GLN A 16 -45.04 -0.47 -8.05
N LEU A 17 -44.82 0.83 -7.82
CA LEU A 17 -45.11 1.41 -6.51
C LEU A 17 -46.40 2.20 -6.54
N GLY A 18 -47.53 1.49 -6.47
CA GLY A 18 -48.82 2.14 -6.50
C GLY A 18 -49.20 2.50 -7.93
N THR A 19 -49.94 3.59 -8.09
CA THR A 19 -50.37 4.07 -9.41
C THR A 19 -49.18 4.47 -10.29
N PHE A 20 -49.43 4.70 -11.57
CA PHE A 20 -48.36 5.13 -12.47
C PHE A 20 -47.83 6.46 -11.95
N GLU A 21 -48.74 7.39 -11.68
CA GLU A 21 -48.35 8.70 -11.17
C GLU A 21 -47.58 8.57 -9.86
N ASP A 22 -48.11 7.79 -8.92
CA ASP A 22 -47.41 7.60 -7.67
C ASP A 22 -46.00 7.12 -8.01
N HIS A 23 -45.94 5.99 -8.71
CA HIS A 23 -44.70 5.37 -9.11
C HIS A 23 -43.72 6.38 -9.70
N PHE A 24 -44.25 7.29 -10.51
CA PHE A 24 -43.44 8.32 -11.16
C PHE A 24 -42.87 9.36 -10.20
N LEU A 25 -43.67 9.77 -9.21
CA LEU A 25 -43.22 10.76 -8.24
C LEU A 25 -42.11 10.15 -7.40
N SER A 26 -42.17 8.84 -7.22
CA SER A 26 -41.17 8.15 -6.45
C SER A 26 -39.84 8.17 -7.22
N LEU A 27 -39.93 7.95 -8.53
CA LEU A 27 -38.74 7.95 -9.36
C LEU A 27 -38.09 9.31 -9.35
N GLN A 28 -38.89 10.31 -9.72
CA GLN A 28 -38.45 11.70 -9.79
C GLN A 28 -37.85 12.20 -8.50
N ARG A 29 -38.34 11.67 -7.39
CA ARG A 29 -37.83 12.09 -6.10
C ARG A 29 -36.49 11.41 -5.83
N MET A 30 -36.34 10.18 -6.29
CA MET A 30 -35.11 9.45 -6.04
C MET A 30 -33.92 9.81 -6.91
N PHE A 31 -34.15 10.53 -8.02
CA PHE A 31 -33.06 10.90 -8.93
C PHE A 31 -33.04 12.35 -9.42
N ASN A 32 -33.87 13.20 -8.84
CA ASN A 32 -33.96 14.60 -9.26
C ASN A 32 -32.70 15.30 -9.74
N ASN A 33 -31.85 15.70 -8.80
CA ASN A 33 -30.62 16.39 -9.18
C ASN A 33 -29.48 15.43 -8.90
N CYS A 34 -29.50 14.28 -9.56
CA CYS A 34 -28.45 13.29 -9.32
C CYS A 34 -27.47 13.14 -10.47
N GLU A 35 -26.19 13.12 -10.13
CA GLU A 35 -25.14 12.97 -11.11
C GLU A 35 -24.52 11.58 -11.01
N VAL A 36 -24.42 11.06 -9.80
CA VAL A 36 -23.89 9.72 -9.59
C VAL A 36 -24.88 8.84 -8.84
N VAL A 37 -25.07 7.62 -9.34
CA VAL A 37 -25.97 6.68 -8.70
C VAL A 37 -25.14 5.58 -8.09
N LEU A 38 -25.13 5.54 -6.76
CA LEU A 38 -24.39 4.52 -6.04
C LEU A 38 -25.02 3.13 -6.19
N GLY A 39 -26.34 3.10 -6.30
CA GLY A 39 -27.04 1.84 -6.48
C GLY A 39 -27.33 1.58 -7.95
N ASN A 40 -28.56 1.18 -8.23
CA ASN A 40 -28.97 0.90 -9.59
C ASN A 40 -29.91 1.96 -10.07
N LEU A 41 -30.04 2.07 -11.39
CA LEU A 41 -30.95 3.02 -11.96
C LEU A 41 -32.05 2.17 -12.59
N GLU A 42 -33.26 2.31 -12.06
CA GLU A 42 -34.40 1.57 -12.55
C GLU A 42 -35.49 2.51 -13.04
N ILE A 43 -35.65 2.58 -14.34
CA ILE A 43 -36.68 3.44 -14.93
C ILE A 43 -37.75 2.48 -15.45
N THR A 44 -38.88 2.45 -14.76
CA THR A 44 -39.94 1.54 -15.12
C THR A 44 -41.34 2.10 -15.08
N TYR A 45 -42.18 1.61 -15.97
CA TYR A 45 -43.58 2.02 -16.03
C TYR A 45 -43.89 3.49 -16.29
N VAL A 46 -42.92 4.27 -16.77
CA VAL A 46 -43.21 5.67 -17.04
C VAL A 46 -44.14 5.72 -18.24
N GLN A 47 -45.23 6.50 -18.13
CA GLN A 47 -46.21 6.59 -19.20
C GLN A 47 -45.96 7.74 -20.18
N ARG A 48 -46.79 7.82 -21.22
CA ARG A 48 -46.67 8.87 -22.21
C ARG A 48 -46.87 10.27 -21.61
N ASN A 49 -46.03 11.20 -22.03
CA ASN A 49 -46.09 12.59 -21.61
C ASN A 49 -45.58 12.92 -20.22
N TYR A 50 -44.85 12.01 -19.61
CA TYR A 50 -44.30 12.33 -18.31
C TYR A 50 -42.91 12.80 -18.65
N ASP A 51 -42.52 13.95 -18.11
CA ASP A 51 -41.20 14.48 -18.44
C ASP A 51 -40.10 13.85 -17.63
N LEU A 52 -39.11 13.32 -18.34
CA LEU A 52 -37.97 12.68 -17.69
C LEU A 52 -36.71 13.51 -17.89
N SER A 53 -36.90 14.79 -18.18
CA SER A 53 -35.77 15.68 -18.42
C SER A 53 -34.82 15.69 -17.25
N PHE A 54 -35.33 15.44 -16.05
CA PHE A 54 -34.49 15.44 -14.87
C PHE A 54 -33.46 14.34 -14.93
N LEU A 55 -33.59 13.44 -15.89
CA LEU A 55 -32.66 12.32 -16.05
C LEU A 55 -31.35 12.73 -16.73
N LYS A 56 -31.36 13.91 -17.33
CA LYS A 56 -30.18 14.40 -18.06
C LYS A 56 -28.98 14.64 -17.18
N THR A 57 -29.16 14.69 -15.86
CA THR A 57 -28.00 14.92 -15.02
C THR A 57 -27.21 13.64 -14.64
N ILE A 58 -27.79 12.46 -14.85
CA ILE A 58 -27.07 11.23 -14.48
C ILE A 58 -25.80 11.03 -15.30
N GLN A 59 -24.65 10.99 -14.62
CA GLN A 59 -23.37 10.81 -15.30
C GLN A 59 -22.81 9.41 -15.08
N GLU A 60 -23.06 8.85 -13.90
CA GLU A 60 -22.57 7.51 -13.57
C GLU A 60 -23.58 6.66 -12.80
N VAL A 61 -23.54 5.37 -13.04
CA VAL A 61 -24.42 4.43 -12.35
C VAL A 61 -23.49 3.32 -11.86
N ALA A 62 -23.40 3.15 -10.54
CA ALA A 62 -22.52 2.14 -9.97
C ALA A 62 -22.99 0.72 -10.17
N GLY A 63 -24.29 0.48 -9.98
CA GLY A 63 -24.82 -0.85 -10.13
C GLY A 63 -25.23 -1.19 -11.56
N TYR A 64 -26.50 -1.52 -11.75
CA TYR A 64 -27.00 -1.85 -13.07
C TYR A 64 -28.07 -0.86 -13.51
N VAL A 65 -28.45 -0.93 -14.78
CA VAL A 65 -29.46 -0.04 -15.33
C VAL A 65 -30.60 -0.85 -15.91
N LEU A 66 -31.79 -0.70 -15.32
CA LEU A 66 -32.96 -1.41 -15.77
C LEU A 66 -33.98 -0.46 -16.35
N ILE A 67 -34.24 -0.58 -17.64
CA ILE A 67 -35.24 0.26 -18.30
C ILE A 67 -36.34 -0.67 -18.81
N ALA A 68 -37.51 -0.65 -18.18
CA ALA A 68 -38.53 -1.59 -18.61
C ALA A 68 -39.98 -1.20 -18.38
N LEU A 69 -40.85 -1.73 -19.24
CA LEU A 69 -42.29 -1.48 -19.16
C LEU A 69 -42.64 0.00 -19.17
N ASN A 70 -41.87 0.76 -19.95
CA ASN A 70 -42.09 2.19 -20.09
C ASN A 70 -42.81 2.44 -21.39
N THR A 71 -43.83 3.28 -21.37
CA THR A 71 -44.51 3.59 -22.63
C THR A 71 -44.17 5.01 -23.04
N VAL A 72 -43.42 5.71 -22.20
CA VAL A 72 -43.00 7.09 -22.48
C VAL A 72 -42.22 7.09 -23.80
N GLU A 73 -42.35 8.15 -24.58
CA GLU A 73 -41.67 8.22 -25.87
C GLU A 73 -40.13 8.33 -25.82
N ARG A 74 -39.62 9.09 -24.86
CA ARG A 74 -38.19 9.31 -24.74
C ARG A 74 -37.65 9.30 -23.32
N ILE A 75 -36.50 8.67 -23.12
CA ILE A 75 -35.84 8.59 -21.81
C ILE A 75 -34.48 9.23 -22.08
N PRO A 76 -34.37 10.55 -21.86
CA PRO A 76 -33.16 11.37 -22.06
C PRO A 76 -31.92 11.18 -21.22
N LEU A 77 -31.42 9.95 -21.12
CA LEU A 77 -30.20 9.70 -20.37
C LEU A 77 -29.06 10.14 -21.27
N GLU A 78 -29.04 11.43 -21.58
CA GLU A 78 -28.05 12.01 -22.49
C GLU A 78 -26.60 12.14 -21.99
N ASN A 79 -26.37 12.01 -20.69
CA ASN A 79 -25.02 12.18 -20.17
C ASN A 79 -24.43 11.01 -19.39
N LEU A 80 -25.16 9.91 -19.33
CA LEU A 80 -24.66 8.73 -18.65
C LEU A 80 -23.46 8.21 -19.45
N GLN A 81 -22.26 8.30 -18.87
CA GLN A 81 -21.05 7.85 -19.54
C GLN A 81 -20.59 6.48 -19.09
N ILE A 82 -20.94 6.13 -17.85
CA ILE A 82 -20.51 4.85 -17.31
C ILE A 82 -21.49 4.06 -16.45
N ILE A 83 -21.49 2.75 -16.66
CA ILE A 83 -22.31 1.82 -15.91
C ILE A 83 -21.29 0.83 -15.38
N ARG A 84 -20.91 0.98 -14.11
CA ARG A 84 -19.90 0.11 -13.51
C ARG A 84 -20.35 -1.35 -13.44
N GLY A 85 -21.57 -1.56 -12.94
CA GLY A 85 -22.08 -2.91 -12.84
C GLY A 85 -21.53 -3.60 -11.61
N ASN A 86 -21.44 -2.87 -10.51
CA ASN A 86 -20.95 -3.44 -9.26
C ASN A 86 -21.87 -4.60 -8.93
N MET A 87 -23.16 -4.38 -9.14
CA MET A 87 -24.18 -5.37 -8.87
C MET A 87 -25.01 -5.52 -10.15
N TYR A 88 -25.35 -6.75 -10.51
CA TYR A 88 -26.10 -7.04 -11.74
C TYR A 88 -27.61 -7.17 -11.56
N TYR A 89 -28.29 -7.43 -12.67
CA TYR A 89 -29.74 -7.62 -12.72
C TYR A 89 -29.98 -9.03 -13.27
N GLU A 90 -30.76 -9.84 -12.57
CA GLU A 90 -31.04 -11.19 -13.04
C GLU A 90 -29.73 -11.98 -13.25
N ASN A 91 -28.77 -11.75 -12.36
CA ASN A 91 -27.47 -12.44 -12.39
C ASN A 91 -26.48 -12.11 -13.52
N SER A 92 -26.97 -11.77 -14.71
CA SER A 92 -26.05 -11.50 -15.82
C SER A 92 -25.95 -10.08 -16.40
N TYR A 93 -26.94 -9.24 -16.17
CA TYR A 93 -26.93 -7.92 -16.79
C TYR A 93 -26.70 -6.64 -16.02
N ALA A 94 -25.90 -5.76 -16.64
CA ALA A 94 -25.57 -4.44 -16.10
C ALA A 94 -26.54 -3.44 -16.76
N LEU A 95 -27.09 -3.85 -17.91
CA LEU A 95 -28.03 -3.04 -18.68
C LEU A 95 -29.12 -3.92 -19.29
N ALA A 96 -30.35 -3.76 -18.81
CA ALA A 96 -31.49 -4.52 -19.29
C ALA A 96 -32.61 -3.58 -19.72
N VAL A 97 -32.99 -3.66 -20.98
CA VAL A 97 -34.06 -2.82 -21.54
C VAL A 97 -35.15 -3.75 -22.02
N LEU A 98 -36.21 -3.87 -21.25
CA LEU A 98 -37.28 -4.81 -21.57
C LEU A 98 -38.72 -4.35 -21.65
N SER A 99 -39.45 -4.95 -22.60
CA SER A 99 -40.89 -4.73 -22.81
C SER A 99 -41.34 -3.30 -22.66
N ASN A 100 -40.78 -2.42 -23.46
CA ASN A 100 -41.11 -1.02 -23.36
C ASN A 100 -42.21 -0.56 -24.30
N TYR A 101 -43.44 -0.91 -23.95
CA TYR A 101 -44.64 -0.55 -24.71
C TYR A 101 -45.83 -1.20 -24.03
N ASP A 102 -47.01 -1.11 -24.65
CA ASP A 102 -48.23 -1.70 -24.10
C ASP A 102 -48.81 -2.75 -25.05
N ALA A 103 -49.93 -2.42 -25.67
CA ALA A 103 -50.56 -3.33 -26.62
C ALA A 103 -50.15 -2.94 -28.04
N ASN A 104 -48.95 -3.37 -28.43
CA ASN A 104 -48.37 -3.08 -29.75
C ASN A 104 -48.83 -1.75 -30.32
N LYS A 105 -49.15 -0.82 -29.42
CA LYS A 105 -49.60 0.49 -29.82
C LYS A 105 -48.44 1.46 -29.75
N THR A 106 -48.14 1.93 -28.54
CA THR A 106 -47.06 2.88 -28.35
C THR A 106 -46.03 2.35 -27.36
N GLY A 107 -44.80 2.85 -27.48
CA GLY A 107 -43.73 2.41 -26.60
C GLY A 107 -42.52 3.31 -26.65
N LEU A 108 -41.48 2.91 -25.93
CA LEU A 108 -40.23 3.66 -25.88
C LEU A 108 -39.66 3.78 -27.27
N LYS A 109 -39.52 5.02 -27.74
CA LYS A 109 -39.02 5.24 -29.07
C LYS A 109 -37.55 5.63 -29.09
N GLU A 110 -37.16 6.62 -28.31
CA GLU A 110 -35.77 7.04 -28.32
C GLU A 110 -35.07 6.93 -26.95
N LEU A 111 -33.84 6.44 -26.97
CA LEU A 111 -33.03 6.26 -25.76
C LEU A 111 -31.65 6.79 -26.16
N PRO A 112 -31.52 8.12 -26.32
CA PRO A 112 -30.29 8.79 -26.72
C PRO A 112 -29.10 8.78 -25.75
N MET A 113 -28.58 7.59 -25.47
CA MET A 113 -27.44 7.48 -24.55
C MET A 113 -26.13 7.64 -25.31
N ARG A 114 -26.00 8.76 -26.01
CA ARG A 114 -24.83 9.08 -26.84
C ARG A 114 -23.50 9.29 -26.12
N ASN A 115 -23.48 9.08 -24.81
CA ASN A 115 -22.25 9.22 -24.05
C ASN A 115 -21.97 7.95 -23.25
N LEU A 116 -22.75 6.91 -23.50
CA LEU A 116 -22.54 5.66 -22.79
C LEU A 116 -21.37 5.00 -23.43
N GLN A 117 -20.18 5.35 -22.95
CA GLN A 117 -18.97 4.79 -23.51
C GLN A 117 -18.47 3.54 -22.82
N GLU A 118 -18.88 3.32 -21.57
CA GLU A 118 -18.38 2.13 -20.90
C GLU A 118 -19.23 1.40 -19.86
N ILE A 119 -19.19 0.07 -19.95
CA ILE A 119 -19.86 -0.82 -19.04
C ILE A 119 -18.74 -1.75 -18.55
N LEU A 120 -18.19 -1.40 -17.39
CA LEU A 120 -17.10 -2.15 -16.78
C LEU A 120 -17.36 -3.64 -16.59
N HIS A 121 -18.50 -3.98 -16.00
CA HIS A 121 -18.84 -5.37 -15.79
C HIS A 121 -20.31 -5.69 -16.11
N GLY A 122 -20.57 -6.94 -16.46
CA GLY A 122 -21.92 -7.35 -16.79
C GLY A 122 -22.22 -7.29 -18.28
N ALA A 123 -23.29 -7.97 -18.68
CA ALA A 123 -23.71 -7.99 -20.08
C ALA A 123 -24.86 -7.01 -20.33
N VAL A 124 -25.35 -7.01 -21.57
CA VAL A 124 -26.43 -6.12 -21.99
C VAL A 124 -27.53 -6.91 -22.70
N ARG A 125 -28.79 -6.61 -22.39
CA ARG A 125 -29.91 -7.29 -23.02
C ARG A 125 -31.06 -6.37 -23.36
N PHE A 126 -31.60 -6.54 -24.58
CA PHE A 126 -32.73 -5.77 -25.09
C PHE A 126 -33.81 -6.75 -25.54
N SER A 127 -35.06 -6.54 -25.13
CA SER A 127 -36.13 -7.44 -25.53
C SER A 127 -37.50 -6.80 -25.56
N ASN A 128 -38.27 -7.14 -26.59
CA ASN A 128 -39.63 -6.63 -26.73
C ASN A 128 -39.76 -5.12 -26.63
N ASN A 129 -38.94 -4.41 -27.40
CA ASN A 129 -38.97 -2.96 -27.46
C ASN A 129 -39.33 -2.67 -28.92
N PRO A 130 -40.57 -3.00 -29.31
CA PRO A 130 -41.06 -2.80 -30.67
C PRO A 130 -41.06 -1.38 -31.25
N ALA A 131 -40.73 -0.37 -30.45
CA ALA A 131 -40.75 0.99 -30.97
C ALA A 131 -39.40 1.67 -30.85
N LEU A 132 -38.48 1.04 -30.13
CA LEU A 132 -37.16 1.61 -29.95
C LEU A 132 -36.45 1.77 -31.28
N CYS A 133 -35.95 2.98 -31.55
CA CYS A 133 -35.25 3.26 -32.78
C CYS A 133 -33.75 3.43 -32.62
N ASN A 134 -33.01 3.01 -33.67
CA ASN A 134 -31.55 3.16 -33.73
C ASN A 134 -30.63 2.30 -32.87
N VAL A 135 -31.02 2.00 -31.63
CA VAL A 135 -30.13 1.23 -30.77
C VAL A 135 -29.51 0.03 -31.44
N GLU A 136 -30.25 -0.58 -32.35
CA GLU A 136 -29.76 -1.76 -33.08
C GLU A 136 -28.41 -1.51 -33.76
N SER A 137 -28.25 -0.31 -34.31
CA SER A 137 -27.05 0.09 -35.02
C SER A 137 -25.83 0.26 -34.13
N ILE A 138 -26.01 0.12 -32.82
CA ILE A 138 -24.91 0.31 -31.90
C ILE A 138 -23.89 -0.80 -31.90
N GLN A 139 -22.61 -0.42 -31.80
CA GLN A 139 -21.48 -1.35 -31.78
C GLN A 139 -21.07 -1.52 -30.33
N TRP A 140 -21.69 -2.49 -29.66
CA TRP A 140 -21.41 -2.74 -28.25
C TRP A 140 -19.99 -3.21 -27.94
N ARG A 141 -19.28 -3.67 -28.95
CA ARG A 141 -17.91 -4.13 -28.72
C ARG A 141 -17.02 -2.98 -28.31
N ASP A 142 -17.58 -1.77 -28.29
CA ASP A 142 -16.80 -0.61 -27.90
C ASP A 142 -17.25 -0.13 -26.52
N ILE A 143 -18.30 -0.75 -26.00
CA ILE A 143 -18.80 -0.34 -24.70
C ILE A 143 -18.67 -1.41 -23.61
N VAL A 144 -18.88 -2.67 -23.97
CA VAL A 144 -18.84 -3.75 -22.98
C VAL A 144 -17.59 -4.62 -23.01
N SER A 145 -17.07 -4.92 -21.82
CA SER A 145 -15.87 -5.74 -21.71
C SER A 145 -16.01 -7.01 -22.55
N SER A 146 -14.95 -7.33 -23.28
CA SER A 146 -14.92 -8.50 -24.14
C SER A 146 -15.40 -9.76 -23.43
N ASP A 147 -15.06 -9.87 -22.15
CA ASP A 147 -15.45 -11.01 -21.36
C ASP A 147 -16.92 -10.95 -20.95
N PHE A 148 -17.73 -10.28 -21.75
CA PHE A 148 -19.17 -10.15 -21.48
C PHE A 148 -19.97 -10.09 -22.77
N LEU A 149 -19.29 -9.78 -23.87
CA LEU A 149 -19.93 -9.69 -25.17
C LEU A 149 -20.62 -10.99 -25.58
N SER A 150 -20.16 -12.11 -25.05
CA SER A 150 -20.73 -13.42 -25.38
C SER A 150 -22.03 -13.73 -24.63
N ASN A 151 -22.24 -13.09 -23.49
CA ASN A 151 -23.44 -13.30 -22.69
C ASN A 151 -24.56 -12.36 -23.17
N MET A 152 -24.24 -11.53 -24.16
CA MET A 152 -25.22 -10.60 -24.72
C MET A 152 -26.27 -11.30 -25.55
N SER A 153 -27.50 -11.32 -25.04
CA SER A 153 -28.61 -11.96 -25.75
C SER A 153 -29.67 -10.93 -26.10
N MET A 154 -29.33 -10.03 -27.02
CA MET A 154 -30.25 -8.98 -27.46
C MET A 154 -31.10 -9.39 -28.66
N ASP A 155 -32.04 -8.51 -29.02
CA ASP A 155 -32.96 -8.73 -30.14
C ASP A 155 -33.80 -7.48 -30.29
N PHE A 156 -33.66 -6.81 -31.44
CA PHE A 156 -34.39 -5.57 -31.69
C PHE A 156 -35.45 -5.74 -32.79
N GLN A 157 -36.17 -4.65 -33.08
CA GLN A 157 -37.21 -4.67 -34.11
C GLN A 157 -37.69 -3.26 -34.44
N ASN A 158 -38.36 -3.12 -35.59
CA ASN A 158 -38.88 -1.83 -36.03
C ASN A 158 -40.36 -1.93 -36.39
N HIS A 159 -41.17 -2.36 -35.42
CA HIS A 159 -42.61 -2.49 -35.63
C HIS A 159 -43.29 -1.15 -35.29
N LEU A 160 -42.58 -0.07 -35.57
CA LEU A 160 -43.07 1.29 -35.35
C LEU A 160 -42.78 2.02 -36.65
N GLY A 161 -41.63 1.69 -37.24
CA GLY A 161 -41.24 2.27 -38.51
C GLY A 161 -40.87 3.74 -38.52
N SER A 162 -41.43 4.52 -37.61
CA SER A 162 -41.13 5.95 -37.55
C SER A 162 -39.69 6.16 -37.12
N CYS A 163 -38.81 5.27 -37.58
CA CYS A 163 -37.40 5.36 -37.25
C CYS A 163 -36.65 6.01 -38.40
N GLN A 164 -35.84 7.01 -38.08
CA GLN A 164 -35.05 7.69 -39.07
C GLN A 164 -33.73 6.94 -39.16
N LYS A 165 -33.04 7.01 -40.30
CA LYS A 165 -31.76 6.34 -40.39
C LYS A 165 -30.73 7.22 -39.68
N CYS A 166 -29.65 6.61 -39.20
CA CYS A 166 -28.63 7.38 -38.53
C CYS A 166 -28.12 8.46 -39.48
N ASP A 167 -27.67 9.58 -38.93
CA ASP A 167 -27.15 10.68 -39.73
C ASP A 167 -26.00 10.13 -40.59
N PRO A 168 -25.87 10.60 -41.85
CA PRO A 168 -24.80 10.11 -42.73
C PRO A 168 -23.40 10.39 -42.22
N SER A 169 -23.27 11.30 -41.26
CA SER A 169 -21.98 11.67 -40.71
C SER A 169 -21.56 10.77 -39.57
N CYS A 170 -22.40 9.79 -39.25
CA CYS A 170 -22.10 8.87 -38.17
C CYS A 170 -21.11 7.78 -38.62
N PRO A 171 -20.46 7.09 -37.67
CA PRO A 171 -19.49 6.00 -37.92
C PRO A 171 -20.12 4.65 -38.26
N ASN A 172 -19.76 4.11 -39.41
CA ASN A 172 -20.30 2.83 -39.85
C ASN A 172 -21.80 2.78 -39.56
N GLY A 173 -22.45 3.95 -39.66
CA GLY A 173 -23.87 4.04 -39.42
C GLY A 173 -24.29 3.67 -38.01
N SER A 174 -23.63 4.25 -37.03
CA SER A 174 -23.94 3.96 -35.64
C SER A 174 -24.42 5.19 -34.90
N CYS A 175 -25.55 5.06 -34.22
CA CYS A 175 -26.09 6.19 -33.47
C CYS A 175 -27.08 5.75 -32.42
N TRP A 176 -27.39 6.65 -31.49
CA TRP A 176 -28.35 6.38 -30.42
C TRP A 176 -29.70 7.03 -30.72
N GLY A 177 -29.75 7.80 -31.79
CA GLY A 177 -30.97 8.48 -32.18
C GLY A 177 -30.70 9.40 -33.35
N ALA A 178 -31.74 10.09 -33.82
CA ALA A 178 -31.59 11.01 -34.94
C ALA A 178 -30.59 12.10 -34.58
N GLY A 179 -30.07 12.81 -35.59
CA GLY A 179 -29.13 13.88 -35.34
C GLY A 179 -27.68 13.45 -35.20
N GLU A 180 -26.77 14.35 -35.56
CA GLU A 180 -25.33 14.07 -35.47
C GLU A 180 -24.93 14.07 -34.01
N GLU A 181 -25.79 14.65 -33.19
CA GLU A 181 -25.57 14.73 -31.75
C GLU A 181 -25.52 13.32 -31.19
N ASN A 182 -26.39 12.46 -31.69
CA ASN A 182 -26.46 11.09 -31.19
C ASN A 182 -25.64 10.03 -31.88
N CYS A 183 -24.63 10.45 -32.66
CA CYS A 183 -23.79 9.46 -33.33
C CYS A 183 -22.97 8.75 -32.24
N GLN A 184 -22.61 7.49 -32.49
CA GLN A 184 -21.83 6.74 -31.51
C GLN A 184 -20.35 7.14 -31.52
N LYS A 185 -19.83 7.47 -30.35
CA LYS A 185 -18.43 7.85 -30.21
C LYS A 185 -17.65 6.56 -29.91
N LEU A 186 -16.67 6.24 -30.74
CA LEU A 186 -15.88 5.06 -30.51
C LEU A 186 -14.62 5.43 -29.76
N THR A 187 -14.26 4.64 -28.76
CA THR A 187 -13.07 4.92 -27.97
C THR A 187 -12.27 3.70 -27.51
N LYS A 188 -12.61 2.52 -28.03
CA LYS A 188 -11.89 1.31 -27.65
C LYS A 188 -11.68 0.36 -28.81
N ILE A 189 -12.40 0.60 -29.90
CA ILE A 189 -12.32 -0.26 -31.08
C ILE A 189 -11.47 0.35 -32.20
N ILE A 190 -11.28 1.67 -32.15
CA ILE A 190 -10.51 2.38 -33.16
C ILE A 190 -9.21 2.96 -32.60
N CYS A 191 -8.74 2.40 -31.50
CA CYS A 191 -7.53 2.90 -30.86
C CYS A 191 -6.22 2.34 -31.46
N ALA A 192 -5.16 3.13 -31.36
CA ALA A 192 -3.84 2.73 -31.85
C ALA A 192 -3.36 1.51 -31.08
N GLN A 193 -2.76 0.57 -31.79
CA GLN A 193 -2.26 -0.66 -31.20
C GLN A 193 -1.41 -0.45 -29.95
N GLN A 194 -0.52 0.52 -29.99
CA GLN A 194 0.35 0.81 -28.86
C GLN A 194 -0.42 1.37 -27.67
N CYS A 195 -1.73 1.15 -27.61
CA CYS A 195 -2.50 1.69 -26.49
C CYS A 195 -3.25 0.70 -25.63
N SER A 196 -3.34 1.05 -24.35
CA SER A 196 -3.99 0.22 -23.34
C SER A 196 -5.48 0.52 -23.12
N GLY A 197 -5.78 1.74 -22.69
CA GLY A 197 -7.16 2.09 -22.44
C GLY A 197 -7.91 2.71 -23.61
N ARG A 198 -8.78 3.64 -23.29
CA ARG A 198 -9.56 4.32 -24.31
C ARG A 198 -8.64 5.30 -25.01
N CYS A 199 -9.15 5.95 -26.05
CA CYS A 199 -8.36 6.91 -26.79
C CYS A 199 -9.27 7.98 -27.37
N ARG A 200 -8.67 9.14 -27.66
CA ARG A 200 -9.40 10.27 -28.24
C ARG A 200 -9.65 10.00 -29.72
N GLY A 201 -8.61 9.52 -30.40
CA GLY A 201 -8.72 9.21 -31.81
C GLY A 201 -7.89 7.97 -32.08
N LYS A 202 -7.43 7.78 -33.32
CA LYS A 202 -6.61 6.62 -33.64
C LYS A 202 -5.14 7.02 -33.72
N SER A 203 -4.88 8.28 -33.39
CA SER A 203 -3.53 8.82 -33.40
C SER A 203 -2.75 8.37 -32.16
N PRO A 204 -1.51 7.89 -32.37
CA PRO A 204 -0.67 7.43 -31.26
C PRO A 204 -0.49 8.49 -30.16
N SER A 205 -0.78 9.75 -30.50
CA SER A 205 -0.65 10.84 -29.55
C SER A 205 -2.00 11.15 -28.91
N ASP A 206 -3.02 10.39 -29.30
CA ASP A 206 -4.37 10.60 -28.81
C ASP A 206 -4.89 9.58 -27.78
N CYS A 207 -3.99 8.80 -27.19
CA CYS A 207 -4.42 7.80 -26.22
C CYS A 207 -4.58 8.30 -24.80
N CYS A 208 -5.49 7.65 -24.07
CA CYS A 208 -5.79 8.02 -22.71
C CYS A 208 -4.98 7.28 -21.67
N HIS A 209 -4.81 7.92 -20.51
CA HIS A 209 -4.06 7.31 -19.43
C HIS A 209 -4.82 6.05 -19.01
N ASN A 210 -4.09 5.04 -18.53
CA ASN A 210 -4.70 3.77 -18.15
C ASN A 210 -5.87 3.88 -17.17
N GLN A 211 -5.83 4.86 -16.28
CA GLN A 211 -6.88 5.05 -15.29
C GLN A 211 -8.11 5.77 -15.83
N CYS A 212 -8.18 5.93 -17.14
CA CYS A 212 -9.31 6.59 -17.75
C CYS A 212 -10.35 5.58 -18.18
N ALA A 213 -11.60 5.97 -18.04
CA ALA A 213 -12.72 5.11 -18.44
C ALA A 213 -13.59 5.88 -19.42
N ALA A 214 -14.11 5.16 -20.42
CA ALA A 214 -14.98 5.74 -21.44
C ALA A 214 -14.20 6.53 -22.49
N GLY A 215 -13.54 7.59 -22.06
CA GLY A 215 -12.78 8.40 -22.99
C GLY A 215 -11.99 9.44 -22.24
N CYS A 216 -11.41 10.39 -22.96
CA CYS A 216 -10.62 11.42 -22.33
C CYS A 216 -10.42 12.64 -23.20
N THR A 217 -10.09 13.76 -22.57
CA THR A 217 -9.82 15.00 -23.29
C THR A 217 -8.34 15.32 -23.08
N GLY A 218 -7.47 14.44 -23.56
CA GLY A 218 -6.05 14.64 -23.39
C GLY A 218 -5.33 13.32 -23.16
N PRO A 219 -3.99 13.34 -23.09
CA PRO A 219 -3.21 12.12 -22.87
C PRO A 219 -2.91 11.82 -21.40
N ARG A 220 -3.28 12.75 -20.52
CA ARG A 220 -2.98 12.57 -19.11
C ARG A 220 -4.06 11.99 -18.19
N GLU A 221 -3.69 11.94 -16.92
CA GLU A 221 -4.50 11.41 -15.84
C GLU A 221 -5.67 12.33 -15.51
N SER A 222 -5.37 13.61 -15.29
CA SER A 222 -6.39 14.58 -14.97
C SER A 222 -7.26 14.86 -16.19
N ASP A 223 -7.06 14.08 -17.24
CA ASP A 223 -7.81 14.29 -18.48
C ASP A 223 -8.84 13.23 -18.82
N CYS A 224 -9.24 12.46 -17.80
CA CYS A 224 -10.23 11.42 -18.01
C CYS A 224 -11.65 11.97 -17.96
N LEU A 225 -12.58 11.25 -18.56
CA LEU A 225 -13.99 11.64 -18.54
C LEU A 225 -14.54 11.13 -17.22
N VAL A 226 -14.29 9.85 -16.96
CA VAL A 226 -14.69 9.20 -15.71
C VAL A 226 -13.52 8.33 -15.28
N CYS A 227 -13.32 8.20 -13.97
CA CYS A 227 -12.23 7.42 -13.42
C CYS A 227 -12.46 5.92 -13.45
N ARG A 228 -11.40 5.18 -13.71
CA ARG A 228 -11.45 3.72 -13.77
C ARG A 228 -11.65 3.19 -12.37
N LYS A 229 -10.75 3.56 -11.46
CA LYS A 229 -10.85 3.13 -10.08
C LYS A 229 -11.11 4.32 -9.16
N PHE A 230 -10.07 4.76 -8.46
CA PHE A 230 -10.20 5.86 -7.54
C PHE A 230 -10.16 7.21 -8.22
N ARG A 231 -10.63 8.22 -7.49
CA ARG A 231 -10.66 9.59 -7.97
C ARG A 231 -10.06 10.44 -6.87
N ASP A 232 -9.03 11.18 -7.23
CA ASP A 232 -8.32 12.04 -6.30
C ASP A 232 -8.43 13.46 -6.85
N GLU A 233 -9.16 14.31 -6.14
CA GLU A 233 -9.36 15.69 -6.57
C GLU A 233 -9.74 15.72 -8.05
N ALA A 234 -8.74 15.86 -8.91
CA ALA A 234 -8.99 15.90 -10.35
C ALA A 234 -8.18 14.84 -11.11
N THR A 235 -7.76 13.79 -10.41
CA THR A 235 -6.98 12.73 -11.04
C THR A 235 -7.59 11.35 -10.85
N CYS A 236 -7.23 10.40 -11.72
CA CYS A 236 -7.72 9.03 -11.62
C CYS A 236 -6.54 8.15 -11.25
N LYS A 237 -6.59 7.57 -10.05
CA LYS A 237 -5.52 6.71 -9.57
C LYS A 237 -5.96 5.28 -9.36
N ASP A 238 -5.05 4.33 -9.55
CA ASP A 238 -5.36 2.93 -9.35
C ASP A 238 -5.52 2.64 -7.86
N THR A 239 -4.95 3.50 -7.04
CA THR A 239 -5.02 3.36 -5.58
C THR A 239 -4.67 4.73 -5.02
N CYS A 240 -5.25 5.08 -3.88
CA CYS A 240 -4.95 6.37 -3.28
C CYS A 240 -3.52 6.43 -2.77
N PRO A 241 -2.91 7.63 -2.81
CA PRO A 241 -1.54 7.79 -2.32
C PRO A 241 -1.44 7.45 -0.84
N PRO A 242 -0.61 6.46 -0.48
CA PRO A 242 -0.44 6.04 0.91
C PRO A 242 -0.01 7.17 1.82
N LEU A 243 -0.29 7.01 3.10
CA LEU A 243 0.08 8.01 4.10
C LEU A 243 1.55 7.81 4.48
N MET A 244 2.08 6.65 4.13
CA MET A 244 3.47 6.32 4.43
C MET A 244 4.10 5.58 3.26
N LEU A 245 5.39 5.82 3.05
CA LEU A 245 6.12 5.16 1.98
C LEU A 245 7.34 4.49 2.57
N TYR A 246 7.65 3.31 2.06
CA TYR A 246 8.81 2.56 2.52
C TYR A 246 10.03 3.18 1.85
N ASN A 247 11.15 3.21 2.58
CA ASN A 247 12.39 3.76 2.05
C ASN A 247 13.37 2.60 1.82
N PRO A 248 13.63 2.26 0.56
CA PRO A 248 14.54 1.16 0.22
C PRO A 248 15.96 1.28 0.77
N THR A 249 16.38 2.48 1.18
CA THR A 249 17.73 2.67 1.69
C THR A 249 17.69 3.06 3.16
N THR A 250 16.63 2.69 3.84
CA THR A 250 16.50 3.03 5.25
C THR A 250 15.81 1.92 5.98
N TYR A 251 15.16 1.03 5.22
CA TYR A 251 14.39 -0.07 5.78
C TYR A 251 13.55 0.58 6.86
N GLN A 252 12.89 1.67 6.46
CA GLN A 252 12.05 2.44 7.35
C GLN A 252 10.89 3.05 6.59
N MET A 253 9.81 3.40 7.30
CA MET A 253 8.66 3.99 6.67
C MET A 253 8.74 5.49 6.82
N ASP A 254 8.73 6.20 5.68
CA ASP A 254 8.77 7.65 5.68
C ASP A 254 7.34 8.14 5.50
N VAL A 255 7.07 9.36 5.95
CA VAL A 255 5.74 9.93 5.84
C VAL A 255 5.55 10.65 4.52
N ASN A 256 4.62 10.17 3.70
CA ASN A 256 4.34 10.81 2.42
C ASN A 256 3.51 12.06 2.68
N PRO A 257 4.06 13.24 2.37
CA PRO A 257 3.30 14.48 2.60
C PRO A 257 2.07 14.58 1.70
N GLU A 258 2.09 13.85 0.58
CA GLU A 258 0.99 13.85 -0.37
C GLU A 258 0.04 12.66 -0.22
N GLY A 259 -0.02 12.10 0.99
CA GLY A 259 -0.89 10.97 1.23
C GLY A 259 -2.32 11.36 1.49
N LYS A 260 -3.22 10.42 1.25
CA LYS A 260 -4.65 10.62 1.46
C LYS A 260 -5.33 9.32 1.91
N TYR A 261 -6.61 9.40 2.24
CA TYR A 261 -7.36 8.23 2.68
C TYR A 261 -8.32 7.72 1.64
N SER A 262 -8.58 6.42 1.67
CA SER A 262 -9.51 5.80 0.75
C SER A 262 -10.92 5.89 1.33
N PHE A 263 -11.83 6.47 0.56
CA PHE A 263 -13.22 6.61 0.99
C PHE A 263 -14.02 6.28 -0.26
N GLY A 264 -14.51 5.04 -0.31
CA GLY A 264 -15.27 4.64 -1.47
C GLY A 264 -14.31 4.72 -2.63
N ALA A 265 -14.73 5.31 -3.73
CA ALA A 265 -13.90 5.42 -4.91
C ALA A 265 -13.22 6.78 -5.00
N THR A 266 -12.98 7.40 -3.85
CA THR A 266 -12.35 8.72 -3.82
C THR A 266 -11.28 8.82 -2.73
N CYS A 267 -10.30 9.70 -2.95
CA CYS A 267 -9.23 9.91 -1.97
C CYS A 267 -9.46 11.27 -1.32
N VAL A 268 -9.35 11.32 0.00
CA VAL A 268 -9.61 12.56 0.73
C VAL A 268 -8.58 12.87 1.81
N LYS A 269 -8.55 14.11 2.28
CA LYS A 269 -7.60 14.52 3.32
C LYS A 269 -7.82 13.75 4.63
N LYS A 270 -9.05 13.75 5.13
CA LYS A 270 -9.35 13.03 6.36
C LYS A 270 -10.66 12.25 6.22
N CYS A 271 -10.77 11.15 6.96
CA CYS A 271 -11.99 10.36 6.89
C CYS A 271 -13.14 11.20 7.40
N PRO A 272 -14.37 10.92 6.91
CA PRO A 272 -15.55 11.67 7.33
C PRO A 272 -15.97 11.28 8.73
N ARG A 273 -17.07 11.88 9.19
CA ARG A 273 -17.59 11.62 10.52
C ARG A 273 -18.33 10.28 10.60
N ASN A 274 -17.99 9.51 11.63
CA ASN A 274 -18.61 8.22 11.91
C ASN A 274 -18.03 7.02 11.15
N TYR A 275 -16.93 7.22 10.44
CA TYR A 275 -16.28 6.12 9.75
C TYR A 275 -15.03 5.81 10.55
N VAL A 276 -14.49 4.61 10.38
CA VAL A 276 -13.29 4.27 11.12
C VAL A 276 -12.06 4.42 10.25
N VAL A 277 -10.97 4.88 10.87
CA VAL A 277 -9.71 5.08 10.17
C VAL A 277 -8.77 3.92 10.45
N THR A 278 -8.25 3.31 9.39
CA THR A 278 -7.36 2.17 9.52
C THR A 278 -5.88 2.52 9.38
N ASP A 279 -5.03 1.55 9.72
CA ASP A 279 -3.58 1.70 9.64
C ASP A 279 -3.13 1.94 8.20
N HIS A 280 -3.96 1.52 7.26
CA HIS A 280 -3.68 1.65 5.83
C HIS A 280 -4.20 2.94 5.21
N GLY A 281 -4.45 3.94 6.04
CA GLY A 281 -4.95 5.20 5.52
C GLY A 281 -6.20 5.04 4.68
N SER A 282 -7.23 4.46 5.29
CA SER A 282 -8.50 4.25 4.60
C SER A 282 -9.65 4.35 5.59
N CYS A 283 -10.85 4.64 5.08
CA CYS A 283 -12.02 4.77 5.92
C CYS A 283 -12.93 3.56 5.73
N VAL A 284 -13.09 2.78 6.79
CA VAL A 284 -13.91 1.58 6.75
C VAL A 284 -15.09 1.69 7.67
N ARG A 285 -16.12 0.87 7.42
CA ARG A 285 -17.33 0.86 8.23
C ARG A 285 -17.29 -0.20 9.32
N ALA A 286 -16.33 -1.11 9.22
CA ALA A 286 -16.17 -2.18 10.19
C ALA A 286 -14.73 -2.65 10.18
N CYS A 287 -14.16 -2.87 11.36
CA CYS A 287 -12.78 -3.33 11.46
C CYS A 287 -12.68 -4.81 11.13
N GLY A 288 -11.56 -5.43 11.52
CA GLY A 288 -11.35 -6.83 11.27
C GLY A 288 -11.66 -7.66 12.50
N ALA A 289 -11.61 -8.98 12.35
CA ALA A 289 -11.91 -9.89 13.45
C ALA A 289 -11.08 -9.61 14.69
N ASP A 290 -9.82 -9.30 14.49
CA ASP A 290 -8.91 -9.03 15.60
C ASP A 290 -8.99 -7.64 16.23
N SER A 291 -9.42 -6.65 15.45
CA SER A 291 -9.50 -5.27 15.97
C SER A 291 -10.80 -4.90 16.69
N TYR A 292 -10.85 -3.66 17.14
CA TYR A 292 -12.02 -3.09 17.82
C TYR A 292 -12.03 -1.58 17.54
N GLU A 293 -12.61 -0.78 18.43
CA GLU A 293 -12.66 0.66 18.19
C GLU A 293 -12.25 1.55 19.38
N MET A 294 -11.58 2.66 19.07
CA MET A 294 -11.13 3.62 20.09
C MET A 294 -11.31 5.06 19.58
N GLU A 295 -11.83 5.95 20.43
CA GLU A 295 -12.05 7.33 20.05
C GLU A 295 -11.88 8.33 21.19
N GLU A 296 -12.85 9.23 21.34
CA GLU A 296 -12.87 10.27 22.38
C GLU A 296 -11.78 11.32 22.28
N ASP A 297 -10.62 10.91 21.79
CA ASP A 297 -9.48 11.80 21.59
C ASP A 297 -8.98 11.60 20.17
N GLY A 298 -9.65 12.26 19.23
CA GLY A 298 -9.30 12.16 17.83
C GLY A 298 -10.45 11.58 17.04
N VAL A 299 -10.21 10.46 16.37
CA VAL A 299 -11.22 9.80 15.57
C VAL A 299 -11.25 8.31 15.85
N ARG A 300 -12.43 7.70 15.71
CA ARG A 300 -12.58 6.28 15.94
C ARG A 300 -11.61 5.53 15.03
N LYS A 301 -10.65 4.84 15.63
CA LYS A 301 -9.67 4.09 14.88
C LYS A 301 -9.65 2.65 15.36
N CYS A 302 -9.40 1.73 14.43
CA CYS A 302 -9.33 0.31 14.77
C CYS A 302 -7.97 0.09 15.40
N LYS A 303 -7.76 -1.11 15.93
CA LYS A 303 -6.49 -1.43 16.54
C LYS A 303 -6.22 -2.92 16.37
N LYS A 304 -6.40 -3.68 17.45
CA LYS A 304 -6.17 -5.12 17.43
C LYS A 304 -6.31 -5.65 18.85
N CYS A 305 -6.91 -6.82 19.00
CA CYS A 305 -7.09 -7.40 20.32
C CYS A 305 -5.81 -8.09 20.79
N GLY A 307 -6.72 -10.33 22.13
CA GLY A 307 -7.08 -11.69 21.78
C GLY A 307 -8.46 -12.04 22.30
N PRO A 308 -8.91 -11.31 23.31
CA PRO A 308 -10.23 -11.52 23.91
C PRO A 308 -11.33 -10.81 23.12
N CYS A 309 -11.06 -10.57 21.83
CA CYS A 309 -12.00 -9.91 20.92
C CYS A 309 -13.44 -10.38 21.09
N ARG A 310 -14.37 -9.43 21.04
CA ARG A 310 -15.80 -9.74 21.18
C ARG A 310 -16.31 -10.29 19.85
N LYS A 311 -17.30 -11.18 19.91
CA LYS A 311 -17.85 -11.78 18.70
C LYS A 311 -18.58 -10.78 17.81
N VAL A 312 -18.14 -10.68 16.55
CA VAL A 312 -18.73 -9.77 15.57
C VAL A 312 -19.42 -10.57 14.47
N CYS A 313 -20.75 -10.44 14.39
CA CYS A 313 -21.52 -11.16 13.38
C CYS A 313 -21.99 -10.24 12.27
N ASN A 314 -22.05 -10.75 11.05
CA ASN A 314 -22.51 -9.95 9.94
C ASN A 314 -24.00 -9.65 10.08
N GLY A 315 -24.48 -8.65 9.37
CA GLY A 315 -25.89 -8.30 9.47
C GLY A 315 -26.65 -8.63 8.20
N ILE A 316 -27.98 -8.62 8.29
CA ILE A 316 -28.80 -8.93 7.14
C ILE A 316 -28.39 -8.02 5.97
N GLY A 317 -28.23 -8.58 4.79
CA GLY A 317 -27.84 -7.76 3.65
C GLY A 317 -26.48 -8.09 3.09
N ILE A 318 -25.55 -8.49 3.96
CA ILE A 318 -24.20 -8.86 3.52
C ILE A 318 -23.86 -10.25 4.03
N GLY A 319 -22.61 -10.69 3.78
CA GLY A 319 -22.17 -11.99 4.22
C GLY A 319 -23.08 -13.12 3.73
N GLU A 320 -23.25 -14.14 4.56
CA GLU A 320 -24.10 -15.26 4.21
C GLU A 320 -25.59 -14.90 4.09
N PHE A 321 -25.93 -13.64 4.30
CA PHE A 321 -27.33 -13.22 4.23
C PHE A 321 -27.52 -12.11 3.20
N LYS A 322 -26.82 -12.20 2.08
CA LYS A 322 -26.89 -11.19 1.03
C LYS A 322 -28.30 -10.96 0.51
N ASP A 323 -29.05 -12.02 0.27
CA ASP A 323 -30.40 -11.86 -0.23
C ASP A 323 -31.43 -12.33 0.78
N SER A 324 -31.16 -12.06 2.04
CA SER A 324 -32.06 -12.44 3.11
C SER A 324 -32.85 -11.22 3.54
N LEU A 325 -34.18 -11.31 3.46
CA LEU A 325 -35.04 -10.20 3.84
C LEU A 325 -35.12 -9.86 5.33
N SER A 326 -34.88 -10.83 6.20
CA SER A 326 -35.04 -10.58 7.62
C SER A 326 -34.33 -11.60 8.49
N ILE A 327 -34.38 -11.38 9.80
CA ILE A 327 -33.82 -12.34 10.72
C ILE A 327 -34.89 -13.40 10.57
N ASN A 328 -34.51 -14.67 10.40
CA ASN A 328 -35.54 -15.70 10.26
C ASN A 328 -35.10 -17.06 10.82
N ALA A 329 -36.04 -18.00 10.90
CA ALA A 329 -35.79 -19.34 11.43
C ALA A 329 -34.48 -19.94 10.95
N THR A 330 -34.22 -19.80 9.65
CA THR A 330 -33.00 -20.34 9.11
C THR A 330 -31.75 -19.67 9.66
N ASN A 331 -31.66 -18.35 9.54
CA ASN A 331 -30.47 -17.62 9.98
C ASN A 331 -30.32 -17.25 11.46
N ILE A 332 -31.41 -17.22 12.21
CA ILE A 332 -31.25 -16.78 13.59
C ILE A 332 -30.24 -17.58 14.39
N LYS A 333 -29.82 -18.72 13.86
CA LYS A 333 -28.84 -19.54 14.56
C LYS A 333 -27.48 -18.89 14.50
N HIS A 334 -27.13 -18.32 13.35
CA HIS A 334 -25.83 -17.70 13.20
C HIS A 334 -25.56 -16.50 14.10
N PHE A 335 -26.60 -15.79 14.52
CA PHE A 335 -26.37 -14.66 15.40
C PHE A 335 -26.14 -15.23 16.79
N LYS A 336 -25.65 -16.47 16.79
CA LYS A 336 -25.33 -17.27 17.96
C LYS A 336 -25.28 -16.60 19.33
N ASN A 337 -24.22 -15.83 19.58
CA ASN A 337 -24.00 -15.18 20.86
C ASN A 337 -23.22 -13.90 20.57
N CYS A 338 -23.69 -13.17 19.57
CA CYS A 338 -23.06 -11.92 19.13
C CYS A 338 -23.19 -10.76 20.08
N THR A 339 -22.17 -9.92 20.11
CA THR A 339 -22.20 -8.74 20.96
C THR A 339 -22.33 -7.50 20.08
N SER A 340 -21.90 -7.63 18.84
CA SER A 340 -21.91 -6.52 17.90
C SER A 340 -22.26 -6.98 16.50
N ILE A 341 -23.11 -6.21 15.83
CA ILE A 341 -23.49 -6.54 14.47
C ILE A 341 -22.78 -5.61 13.50
N SER A 342 -22.03 -6.17 12.56
CA SER A 342 -21.38 -5.34 11.56
C SER A 342 -22.36 -5.32 10.41
N GLY A 343 -23.22 -4.31 10.43
CA GLY A 343 -24.22 -4.19 9.41
C GLY A 343 -25.55 -3.87 10.05
N ASP A 344 -26.63 -4.30 9.40
CA ASP A 344 -27.94 -3.99 9.91
C ASP A 344 -28.80 -5.16 10.31
N LEU A 345 -29.82 -4.88 11.10
CA LEU A 345 -30.76 -5.89 11.50
C LEU A 345 -32.16 -5.57 11.00
N HIS A 346 -32.73 -6.49 10.23
CA HIS A 346 -34.09 -6.33 9.75
C HIS A 346 -34.96 -7.41 10.38
N ILE A 347 -36.14 -7.03 10.82
CA ILE A 347 -37.09 -7.98 11.37
C ILE A 347 -38.42 -7.64 10.75
N LEU A 348 -38.79 -8.37 9.69
CA LEU A 348 -40.05 -8.13 9.00
C LEU A 348 -41.11 -9.20 9.35
N PRO A 349 -42.38 -8.91 9.05
CA PRO A 349 -43.45 -9.88 9.35
C PRO A 349 -43.22 -11.27 8.75
N VAL A 350 -42.48 -11.35 7.65
CA VAL A 350 -42.18 -12.62 7.01
C VAL A 350 -41.49 -13.56 7.96
N ALA A 351 -40.60 -13.03 8.80
CA ALA A 351 -39.88 -13.86 9.74
C ALA A 351 -40.81 -14.73 10.60
N PHE A 352 -41.99 -14.22 10.93
CA PHE A 352 -42.91 -14.97 11.77
C PHE A 352 -43.90 -15.83 11.00
N ARG A 353 -44.17 -15.48 9.75
CA ARG A 353 -45.10 -16.26 8.93
C ARG A 353 -44.38 -17.38 8.21
N GLY A 354 -43.07 -17.22 8.03
CA GLY A 354 -42.30 -18.19 7.29
C GLY A 354 -42.49 -17.77 5.86
N ASP A 355 -41.62 -18.19 4.96
CA ASP A 355 -41.77 -17.80 3.57
C ASP A 355 -41.54 -18.97 2.61
N SER A 356 -42.58 -19.30 1.82
CA SER A 356 -42.49 -20.40 0.85
C SER A 356 -41.43 -20.16 -0.22
N PHE A 357 -41.66 -19.13 -1.04
CA PHE A 357 -40.76 -18.77 -2.14
C PHE A 357 -39.31 -18.78 -1.79
N THR A 358 -39.02 -18.79 -0.49
CA THR A 358 -37.65 -18.76 -0.03
C THR A 358 -37.27 -19.93 0.88
N HIS A 359 -38.21 -20.86 1.06
CA HIS A 359 -38.02 -22.07 1.89
C HIS A 359 -37.66 -21.79 3.33
N THR A 360 -38.37 -20.86 3.95
CA THR A 360 -38.10 -20.51 5.33
C THR A 360 -39.36 -20.73 6.16
N PRO A 361 -39.24 -21.49 7.27
CA PRO A 361 -40.38 -21.76 8.15
C PRO A 361 -40.51 -20.70 9.21
N PRO A 362 -41.70 -20.57 9.81
CA PRO A 362 -41.88 -19.55 10.85
C PRO A 362 -40.71 -19.54 11.82
N LEU A 363 -40.55 -18.43 12.53
CA LEU A 363 -39.49 -18.27 13.52
C LEU A 363 -40.19 -18.36 14.85
N ASP A 364 -39.64 -19.12 15.78
CA ASP A 364 -40.25 -19.25 17.09
C ASP A 364 -39.96 -17.98 17.86
N PRO A 365 -41.01 -17.24 18.22
CA PRO A 365 -40.83 -16.01 18.96
C PRO A 365 -39.74 -16.11 20.02
N GLN A 366 -39.71 -17.22 20.74
CA GLN A 366 -38.72 -17.41 21.81
C GLN A 366 -37.30 -17.28 21.30
N GLU A 367 -37.10 -17.58 20.03
CA GLU A 367 -35.79 -17.53 19.43
C GLU A 367 -35.13 -16.15 19.47
N LEU A 368 -35.93 -15.10 19.39
CA LEU A 368 -35.41 -13.74 19.41
C LEU A 368 -34.55 -13.42 20.61
N ASP A 369 -34.75 -14.15 21.70
CA ASP A 369 -33.97 -13.88 22.91
C ASP A 369 -32.49 -14.07 22.68
N ILE A 370 -32.15 -14.66 21.54
CA ILE A 370 -30.77 -14.87 21.18
C ILE A 370 -30.05 -13.51 21.09
N LEU A 371 -30.77 -12.51 20.58
CA LEU A 371 -30.22 -11.17 20.40
C LEU A 371 -29.82 -10.42 21.67
N LYS A 372 -30.17 -10.92 22.85
CA LYS A 372 -29.85 -10.27 24.13
C LYS A 372 -28.37 -9.97 24.37
N THR A 373 -27.49 -10.56 23.56
CA THR A 373 -26.07 -10.33 23.71
C THR A 373 -25.59 -9.17 22.84
N VAL A 374 -26.39 -8.82 21.84
CA VAL A 374 -26.07 -7.73 20.93
C VAL A 374 -26.05 -6.39 21.66
N LYS A 375 -24.85 -5.85 21.84
CA LYS A 375 -24.70 -4.58 22.53
C LYS A 375 -24.58 -3.40 21.58
N GLU A 376 -24.19 -3.66 20.34
CA GLU A 376 -24.05 -2.59 19.37
C GLU A 376 -24.33 -3.02 17.95
N ILE A 377 -24.88 -2.09 17.17
CA ILE A 377 -25.21 -2.32 15.76
C ILE A 377 -24.55 -1.20 14.94
N THR A 378 -23.62 -1.54 14.05
CA THR A 378 -22.94 -0.52 13.26
C THR A 378 -23.82 0.10 12.17
N GLY A 379 -24.73 -0.68 11.61
CA GLY A 379 -25.62 -0.16 10.59
C GLY A 379 -26.88 0.39 11.22
N PHE A 380 -28.04 -0.15 10.83
CA PHE A 380 -29.32 0.28 11.38
C PHE A 380 -30.21 -0.89 11.85
N LEU A 381 -31.18 -0.56 12.69
CA LEU A 381 -32.14 -1.52 13.23
C LEU A 381 -33.53 -1.18 12.67
N LEU A 382 -34.08 -2.07 11.85
CA LEU A 382 -35.39 -1.86 11.25
C LEU A 382 -36.36 -2.92 11.72
N ILE A 383 -37.36 -2.53 12.51
CA ILE A 383 -38.34 -3.47 13.02
C ILE A 383 -39.73 -3.19 12.48
N GLN A 384 -40.18 -4.01 11.54
CA GLN A 384 -41.51 -3.86 10.95
C GLN A 384 -42.48 -4.91 11.50
N ALA A 385 -42.00 -5.78 12.38
CA ALA A 385 -42.84 -6.82 12.98
C ALA A 385 -42.23 -7.34 14.28
N TRP A 386 -43.09 -7.74 15.21
CA TRP A 386 -42.63 -8.28 16.49
C TRP A 386 -43.60 -9.37 16.90
N PRO A 387 -43.14 -10.34 17.72
CA PRO A 387 -44.08 -11.39 18.12
C PRO A 387 -45.34 -10.80 18.71
N GLU A 388 -46.47 -11.31 18.22
CA GLU A 388 -47.80 -10.88 18.61
C GLU A 388 -48.04 -10.58 20.10
N ASN A 389 -47.63 -11.50 20.99
CA ASN A 389 -47.85 -11.28 22.41
C ASN A 389 -46.67 -10.79 23.24
N ARG A 390 -45.82 -9.95 22.66
CA ARG A 390 -44.71 -9.40 23.40
C ARG A 390 -44.95 -7.90 23.57
N THR A 391 -45.07 -7.51 24.83
CA THR A 391 -45.35 -6.14 25.21
C THR A 391 -44.32 -5.09 24.75
N ASP A 392 -43.06 -5.47 24.66
CA ASP A 392 -42.03 -4.54 24.22
C ASP A 392 -40.87 -5.26 23.54
N LEU A 393 -39.81 -4.53 23.21
CA LEU A 393 -38.67 -5.11 22.52
C LEU A 393 -37.62 -5.62 23.50
N HIS A 394 -38.05 -6.47 24.43
CA HIS A 394 -37.19 -7.03 25.46
C HIS A 394 -35.90 -7.63 24.91
N ALA A 395 -36.00 -8.31 23.78
CA ALA A 395 -34.81 -8.90 23.19
C ALA A 395 -33.68 -7.92 22.91
N PHE A 396 -33.97 -6.62 22.88
CA PHE A 396 -32.95 -5.60 22.60
C PHE A 396 -32.71 -4.72 23.83
N GLU A 397 -33.20 -5.13 25.00
CA GLU A 397 -33.00 -4.29 26.17
C GLU A 397 -31.56 -4.10 26.62
N ASN A 398 -30.60 -4.67 25.90
CA ASN A 398 -29.20 -4.51 26.24
C ASN A 398 -28.45 -3.77 25.14
N LEU A 399 -29.14 -3.54 24.02
CA LEU A 399 -28.56 -2.80 22.91
C LEU A 399 -28.14 -1.43 23.43
N GLU A 400 -26.83 -1.15 23.38
CA GLU A 400 -26.32 0.12 23.88
C GLU A 400 -26.08 1.21 22.83
N ILE A 401 -25.54 0.82 21.67
CA ILE A 401 -25.20 1.78 20.63
C ILE A 401 -25.66 1.35 19.24
N ILE A 402 -26.21 2.30 18.49
CA ILE A 402 -26.61 2.08 17.10
C ILE A 402 -25.85 3.19 16.39
N ARG A 403 -24.84 2.83 15.60
CA ARG A 403 -24.00 3.81 14.93
C ARG A 403 -24.49 4.47 13.64
N GLY A 404 -25.38 3.81 12.91
CA GLY A 404 -25.89 4.39 11.68
C GLY A 404 -24.92 4.49 10.52
N ARG A 405 -23.82 3.74 10.54
CA ARG A 405 -22.86 3.77 9.45
C ARG A 405 -23.59 3.50 8.15
N THR A 406 -24.67 2.73 8.23
CA THR A 406 -25.50 2.44 7.07
C THR A 406 -26.91 2.78 7.55
N LYS A 407 -27.76 3.28 6.65
CA LYS A 407 -29.12 3.67 7.03
C LYS A 407 -30.21 3.20 6.08
N GLN A 408 -31.41 2.98 6.60
CA GLN A 408 -32.52 2.55 5.78
C GLN A 408 -32.91 3.70 4.86
N HIS A 409 -33.04 3.41 3.58
CA HIS A 409 -33.38 4.44 2.58
C HIS A 409 -32.39 5.61 2.65
N GLY A 410 -31.19 5.36 3.16
CA GLY A 410 -30.19 6.38 3.25
C GLY A 410 -30.40 7.38 4.38
N GLN A 411 -31.55 7.29 5.04
CA GLN A 411 -31.88 8.22 6.09
C GLN A 411 -32.00 7.71 7.52
N PHE A 412 -32.68 6.57 7.70
CA PHE A 412 -32.91 6.08 9.05
C PHE A 412 -32.00 5.05 9.67
N SER A 413 -31.71 5.31 10.92
CA SER A 413 -30.81 4.51 11.72
C SER A 413 -31.57 3.53 12.64
N LEU A 414 -32.76 3.96 13.07
CA LEU A 414 -33.64 3.18 13.92
C LEU A 414 -35.04 3.40 13.39
N ALA A 415 -35.70 2.31 13.00
CA ALA A 415 -37.04 2.40 12.46
C ALA A 415 -37.96 1.37 13.14
N VAL A 416 -38.86 1.84 13.99
CA VAL A 416 -39.81 0.95 14.65
C VAL A 416 -41.20 1.31 14.18
N VAL A 417 -41.76 0.55 13.24
CA VAL A 417 -43.09 0.86 12.72
C VAL A 417 -44.14 -0.26 12.65
N SER A 418 -45.40 0.16 12.75
CA SER A 418 -46.58 -0.70 12.69
C SER A 418 -46.63 -1.95 13.56
N LEU A 419 -46.17 -1.84 14.79
CA LEU A 419 -46.18 -2.97 15.73
C LEU A 419 -47.30 -2.81 16.76
N ASN A 420 -47.43 -3.80 17.64
CA ASN A 420 -48.45 -3.75 18.69
C ASN A 420 -47.84 -3.68 20.09
N ILE A 421 -46.53 -3.41 20.18
CA ILE A 421 -45.86 -3.30 21.49
C ILE A 421 -46.45 -2.11 22.25
N THR A 422 -46.46 -2.16 23.58
CA THR A 422 -47.01 -1.06 24.37
C THR A 422 -45.95 -0.09 24.93
N SER A 423 -44.69 -0.53 24.89
CA SER A 423 -43.57 0.29 25.33
C SER A 423 -42.38 -0.19 24.50
N LEU A 424 -41.30 0.60 24.48
CA LEU A 424 -40.14 0.20 23.68
C LEU A 424 -39.23 -0.80 24.39
N GLY A 425 -38.92 -0.54 25.66
CA GLY A 425 -38.06 -1.44 26.40
C GLY A 425 -36.57 -1.27 26.19
N LEU A 426 -36.17 -0.37 25.28
CA LEU A 426 -34.75 -0.13 24.99
C LEU A 426 -33.96 0.51 26.12
N ARG A 427 -33.90 -0.21 27.24
CA ARG A 427 -33.23 0.22 28.47
C ARG A 427 -31.75 0.59 28.39
N SER A 428 -31.02 -0.04 27.49
CA SER A 428 -29.61 0.24 27.40
C SER A 428 -29.22 1.21 26.28
N LEU A 429 -30.15 1.49 25.37
CA LEU A 429 -29.88 2.38 24.25
C LEU A 429 -29.42 3.75 24.72
N LYS A 430 -28.10 3.97 24.66
CA LYS A 430 -27.52 5.22 25.11
C LYS A 430 -26.98 6.11 24.00
N GLU A 431 -26.79 5.56 22.80
CA GLU A 431 -26.26 6.37 21.71
C GLU A 431 -26.67 5.96 20.30
N ILE A 432 -27.15 6.93 19.52
CA ILE A 432 -27.49 6.69 18.13
C ILE A 432 -26.60 7.67 17.34
N SER A 433 -25.37 7.22 17.11
CA SER A 433 -24.30 7.94 16.42
C SER A 433 -24.71 8.87 15.30
N ASP A 434 -25.55 8.37 14.41
CA ASP A 434 -25.98 9.15 13.27
C ASP A 434 -27.24 8.49 12.72
N GLY A 435 -27.91 9.18 11.80
CA GLY A 435 -29.13 8.66 11.20
C GLY A 435 -30.38 9.15 11.92
N ASP A 436 -31.51 9.12 11.24
CA ASP A 436 -32.73 9.57 11.89
C ASP A 436 -33.45 8.41 12.58
N VAL A 437 -34.38 8.77 13.45
CA VAL A 437 -35.14 7.80 14.20
C VAL A 437 -36.59 7.94 13.86
N ILE A 438 -37.23 6.87 13.41
CA ILE A 438 -38.66 6.97 13.15
C ILE A 438 -39.43 5.87 13.88
N ILE A 439 -40.36 6.31 14.70
CA ILE A 439 -41.18 5.39 15.47
C ILE A 439 -42.61 5.81 15.23
N SER A 440 -43.22 5.22 14.21
CA SER A 440 -44.58 5.55 13.80
C SER A 440 -45.49 4.35 13.54
N GLY A 441 -46.79 4.60 13.62
CA GLY A 441 -47.79 3.56 13.37
C GLY A 441 -47.89 2.44 14.39
N ASN A 442 -47.42 2.68 15.60
CA ASN A 442 -47.50 1.68 16.65
C ASN A 442 -48.68 2.11 17.53
N LYS A 443 -49.89 1.79 17.08
CA LYS A 443 -51.13 2.15 17.74
C LYS A 443 -51.23 2.02 19.26
N ASN A 444 -50.49 1.12 19.87
CA ASN A 444 -50.56 0.97 21.33
C ASN A 444 -49.29 1.39 22.03
N LEU A 445 -48.34 1.93 21.28
CA LEU A 445 -47.09 2.35 21.87
C LEU A 445 -47.28 3.66 22.66
N CYS A 446 -46.97 3.61 23.96
CA CYS A 446 -47.14 4.78 24.83
C CYS A 446 -45.99 5.57 25.45
N TYR A 447 -44.74 5.16 25.36
CA TYR A 447 -43.75 5.98 26.07
C TYR A 447 -42.72 6.72 25.23
N ALA A 448 -42.68 6.38 23.94
CA ALA A 448 -41.78 6.96 22.97
C ALA A 448 -41.40 8.44 23.20
N ASN A 449 -42.38 9.33 23.20
CA ASN A 449 -42.12 10.76 23.38
C ASN A 449 -41.55 11.24 24.72
N THR A 450 -41.48 10.37 25.72
CA THR A 450 -40.98 10.79 27.03
C THR A 450 -39.46 10.88 27.03
N ILE A 451 -38.84 10.14 26.12
CA ILE A 451 -37.39 10.11 25.99
C ILE A 451 -36.91 11.29 25.18
N ASN A 452 -35.83 11.90 25.64
CA ASN A 452 -35.22 13.03 24.97
C ASN A 452 -34.17 12.45 24.02
N TRP A 453 -34.58 12.15 22.80
CA TRP A 453 -33.68 11.52 21.82
C TRP A 453 -32.44 12.30 21.44
N LYS A 454 -32.56 13.62 21.40
CA LYS A 454 -31.44 14.48 21.04
C LYS A 454 -30.23 14.16 21.88
N LYS A 455 -30.48 13.77 23.13
CA LYS A 455 -29.44 13.44 24.06
C LYS A 455 -28.74 12.13 23.69
N LEU A 456 -29.22 11.44 22.66
CA LEU A 456 -28.61 10.19 22.23
C LEU A 456 -27.85 10.34 20.92
N PHE A 457 -28.15 11.41 20.19
CA PHE A 457 -27.53 11.69 18.90
C PHE A 457 -26.06 12.13 19.00
N GLY A 458 -25.29 11.85 17.96
CA GLY A 458 -23.89 12.23 17.94
C GLY A 458 -23.47 12.85 16.62
N THR A 459 -24.45 13.41 15.91
CA THR A 459 -24.22 14.02 14.61
C THR A 459 -25.26 15.14 14.40
N SER A 460 -24.86 16.23 13.74
CA SER A 460 -25.79 17.32 13.50
C SER A 460 -26.89 16.88 12.55
N GLY A 461 -28.03 17.56 12.59
CA GLY A 461 -29.10 17.22 11.69
C GLY A 461 -29.91 15.98 12.00
N GLN A 462 -29.52 15.22 13.02
CA GLN A 462 -30.27 14.03 13.39
C GLN A 462 -31.61 14.49 13.96
N LYS A 463 -32.70 13.90 13.47
CA LYS A 463 -34.03 14.24 13.94
C LYS A 463 -34.89 13.00 14.13
N THR A 464 -36.04 13.19 14.76
CA THR A 464 -36.95 12.08 15.01
C THR A 464 -38.28 12.28 14.29
N LYS A 465 -38.99 11.19 14.10
CA LYS A 465 -40.30 11.23 13.48
C LYS A 465 -41.05 10.24 14.37
N ILE A 466 -41.51 10.74 15.50
CA ILE A 466 -42.21 9.92 16.46
C ILE A 466 -43.66 10.30 16.60
N ILE A 467 -44.44 9.96 15.59
CA ILE A 467 -45.86 10.27 15.59
C ILE A 467 -46.77 9.11 15.24
N SER A 468 -48.07 9.35 15.38
CA SER A 468 -49.10 8.39 15.05
C SER A 468 -49.00 7.05 15.73
N ASN A 469 -48.60 7.05 17.00
CA ASN A 469 -48.54 5.80 17.75
C ASN A 469 -49.79 5.86 18.61
N ARG A 470 -49.62 5.71 19.92
CA ARG A 470 -50.76 5.78 20.81
C ARG A 470 -50.89 7.21 21.32
N GLY A 471 -52.10 7.75 21.21
CA GLY A 471 -52.35 9.10 21.66
C GLY A 471 -51.98 9.39 23.10
N GLU A 472 -51.29 10.49 23.31
CA GLU A 472 -50.88 10.90 24.63
C GLU A 472 -52.06 10.87 25.61
N ASN A 473 -53.15 11.54 25.23
CA ASN A 473 -54.32 11.60 26.09
C ASN A 473 -54.78 10.23 26.55
N SER A 474 -54.83 9.27 25.63
CA SER A 474 -55.24 7.93 26.01
C SER A 474 -54.21 7.26 26.90
N CYS A 475 -52.93 7.54 26.67
CA CYS A 475 -51.89 6.92 27.49
C CYS A 475 -52.02 7.41 28.91
N LYS A 476 -52.33 8.69 29.05
CA LYS A 476 -52.48 9.33 30.36
C LYS A 476 -53.74 8.80 31.04
N ALA A 477 -54.83 8.71 30.28
CA ALA A 477 -56.10 8.22 30.79
C ALA A 477 -55.94 6.80 31.30
N THR A 478 -55.35 5.93 30.49
CA THR A 478 -55.14 4.55 30.90
C THR A 478 -53.94 4.48 31.85
N GLY A 479 -53.46 5.64 32.25
CA GLY A 479 -52.35 5.68 33.19
C GLY A 479 -51.05 5.04 32.79
N GLN A 480 -50.74 5.08 31.50
CA GLN A 480 -49.50 4.51 31.04
C GLN A 480 -48.45 5.58 30.86
N VAL A 481 -47.79 5.94 31.95
CA VAL A 481 -46.75 6.96 31.86
C VAL A 481 -45.54 6.54 32.68
N CYS A 482 -44.47 7.31 32.57
CA CYS A 482 -43.25 7.01 33.30
C CYS A 482 -43.49 6.94 34.79
N HIS A 483 -42.75 6.05 35.45
CA HIS A 483 -42.86 5.86 36.88
C HIS A 483 -42.57 7.14 37.65
N ALA A 484 -42.89 7.15 38.94
CA ALA A 484 -42.67 8.31 39.78
C ALA A 484 -41.20 8.65 40.00
N LEU A 485 -40.33 7.65 39.94
CA LEU A 485 -38.89 7.88 40.16
C LEU A 485 -38.15 8.18 38.85
N CYS A 486 -38.68 9.08 38.02
CA CYS A 486 -38.04 9.35 36.73
C CYS A 486 -38.08 10.78 36.21
N SER A 487 -38.02 11.75 37.11
CA SER A 487 -38.05 13.16 36.71
C SER A 487 -37.09 13.43 35.54
N PRO A 488 -36.01 12.63 35.41
CA PRO A 488 -35.08 12.86 34.31
C PRO A 488 -35.67 12.77 32.91
N GLU A 489 -34.87 12.28 31.97
CA GLU A 489 -35.26 12.15 30.59
C GLU A 489 -36.17 10.99 30.26
N GLY A 490 -37.35 10.97 30.86
CA GLY A 490 -38.33 9.94 30.59
C GLY A 490 -38.01 8.49 30.93
N CYS A 491 -38.66 7.59 30.21
CA CYS A 491 -38.52 6.14 30.42
C CYS A 491 -38.82 5.34 29.16
N TRP A 492 -38.41 4.08 29.14
CA TRP A 492 -38.66 3.24 27.98
C TRP A 492 -39.86 2.37 28.24
N GLY A 493 -40.47 2.56 29.40
CA GLY A 493 -41.64 1.77 29.76
C GLY A 493 -42.22 2.24 31.07
N PRO A 494 -43.26 1.56 31.57
CA PRO A 494 -43.91 1.94 32.84
C PRO A 494 -43.10 1.57 34.07
N GLU A 495 -42.25 0.56 33.92
CA GLU A 495 -41.42 0.06 35.02
C GLU A 495 -40.37 1.02 35.58
N PRO A 496 -39.95 0.80 36.84
CA PRO A 496 -38.95 1.61 37.50
C PRO A 496 -37.61 1.51 36.79
N ARG A 497 -37.26 0.28 36.40
CA ARG A 497 -36.00 0.01 35.71
C ARG A 497 -36.16 0.35 34.23
N ASP A 498 -37.29 0.94 33.88
CA ASP A 498 -37.58 1.33 32.50
C ASP A 498 -37.16 2.77 32.30
N CYS A 499 -36.82 3.43 33.39
CA CYS A 499 -36.45 4.82 33.35
C CYS A 499 -35.04 5.14 32.90
N VAL A 500 -34.93 6.15 32.06
CA VAL A 500 -33.64 6.59 31.55
C VAL A 500 -32.79 7.13 32.69
N LEU B 1 12.73 -13.62 -5.60
CA LEU B 1 13.64 -14.05 -6.69
C LEU B 1 14.79 -13.07 -6.93
N GLU B 2 15.98 -13.44 -6.46
CA GLU B 2 17.19 -12.64 -6.62
C GLU B 2 18.10 -13.51 -7.49
N GLU B 3 18.45 -13.02 -8.67
CA GLU B 3 19.27 -13.81 -9.59
C GLU B 3 20.74 -13.41 -9.79
N LYS B 4 21.29 -12.56 -8.93
CA LYS B 4 22.67 -12.15 -9.11
C LYS B 4 23.50 -12.13 -7.84
N LYS B 5 24.73 -12.62 -7.97
CA LYS B 5 25.65 -12.70 -6.84
C LYS B 5 26.07 -11.31 -6.36
N VAL B 6 25.93 -11.06 -5.06
CA VAL B 6 26.28 -9.76 -4.53
C VAL B 6 27.63 -9.70 -3.84
N CYS B 7 28.00 -8.51 -3.41
CA CYS B 7 29.24 -8.27 -2.69
C CYS B 7 29.16 -6.87 -2.10
N GLN B 8 30.00 -6.58 -1.12
CA GLN B 8 29.95 -5.31 -0.41
C GLN B 8 30.44 -4.03 -1.07
N GLY B 9 31.55 -4.09 -1.78
CA GLY B 9 32.06 -2.86 -2.35
C GLY B 9 32.92 -2.19 -1.29
N THR B 10 33.66 -1.16 -1.68
CA THR B 10 34.53 -0.49 -0.73
C THR B 10 34.26 0.99 -0.53
N SER B 11 34.92 1.57 0.45
CA SER B 11 34.78 2.97 0.76
C SER B 11 36.15 3.55 1.14
N ASN B 12 37.17 3.13 0.41
CA ASN B 12 38.55 3.59 0.65
C ASN B 12 38.86 4.88 -0.09
N LYS B 13 38.03 5.25 -1.07
CA LYS B 13 38.25 6.44 -1.89
C LYS B 13 39.67 6.43 -2.47
N LEU B 14 40.42 7.51 -2.30
CA LEU B 14 41.77 7.59 -2.87
C LEU B 14 42.90 7.01 -2.02
N THR B 15 42.55 6.25 -1.00
CA THR B 15 43.52 5.62 -0.11
C THR B 15 44.04 4.36 -0.77
N GLN B 16 45.30 4.01 -0.49
CA GLN B 16 45.93 2.82 -1.07
C GLN B 16 46.19 1.86 0.09
N LEU B 17 45.90 0.58 -0.11
CA LEU B 17 46.09 -0.41 0.94
C LEU B 17 47.44 -1.08 0.84
N GLY B 18 48.44 -0.46 1.44
CA GLY B 18 49.77 -1.00 1.40
C GLY B 18 50.43 -0.88 0.04
N THR B 19 51.13 -1.92 -0.36
CA THR B 19 51.83 -1.90 -1.64
C THR B 19 50.91 -2.22 -2.79
N PHE B 20 51.20 -1.64 -3.96
CA PHE B 20 50.40 -1.90 -5.14
C PHE B 20 50.02 -3.38 -5.18
N GLU B 21 50.98 -4.22 -4.84
CA GLU B 21 50.78 -5.67 -4.82
C GLU B 21 49.65 -6.07 -3.86
N ASP B 22 49.66 -5.50 -2.66
CA ASP B 22 48.64 -5.81 -1.69
C ASP B 22 47.30 -5.24 -2.15
N HIS B 23 47.30 -3.95 -2.43
CA HIS B 23 46.13 -3.20 -2.89
C HIS B 23 45.36 -4.01 -3.93
N PHE B 24 46.08 -4.53 -4.90
CA PHE B 24 45.45 -5.31 -5.94
C PHE B 24 44.69 -6.50 -5.32
N LEU B 25 45.38 -7.29 -4.50
CA LEU B 25 44.75 -8.44 -3.86
C LEU B 25 43.41 -8.10 -3.19
N SER B 26 43.39 -7.07 -2.36
CA SER B 26 42.15 -6.68 -1.72
C SER B 26 41.12 -6.49 -2.81
N LEU B 27 41.45 -5.68 -3.79
CA LEU B 27 40.54 -5.43 -4.89
C LEU B 27 40.08 -6.75 -5.47
N GLN B 28 41.04 -7.59 -5.83
CA GLN B 28 40.74 -8.89 -6.42
C GLN B 28 39.93 -9.78 -5.50
N ARG B 29 40.14 -9.63 -4.21
CA ARG B 29 39.45 -10.46 -3.24
C ARG B 29 38.02 -9.98 -3.00
N MET B 30 37.87 -8.67 -2.90
CA MET B 30 36.57 -8.09 -2.65
C MET B 30 35.60 -8.18 -3.83
N PHE B 31 36.09 -8.37 -5.04
CA PHE B 31 35.18 -8.40 -6.18
C PHE B 31 35.18 -9.65 -7.06
N ASN B 32 36.10 -10.57 -6.79
CA ASN B 32 36.27 -11.79 -7.58
C ASN B 32 35.10 -12.35 -8.41
N ASN B 33 34.03 -12.77 -7.76
CA ASN B 33 32.93 -13.34 -8.52
C ASN B 33 31.69 -12.49 -8.42
N CYS B 34 31.91 -11.23 -8.09
CA CYS B 34 30.82 -10.30 -7.89
C CYS B 34 30.02 -9.88 -9.12
N GLU B 35 28.71 -9.72 -8.92
CA GLU B 35 27.80 -9.32 -9.97
C GLU B 35 27.07 -8.05 -9.58
N VAL B 36 26.80 -7.92 -8.29
CA VAL B 36 26.12 -6.72 -7.79
C VAL B 36 26.86 -6.16 -6.59
N VAL B 37 27.39 -4.96 -6.76
CA VAL B 37 28.12 -4.31 -5.68
C VAL B 37 27.10 -3.53 -4.88
N LEU B 38 26.92 -3.90 -3.62
CA LEU B 38 25.95 -3.21 -2.79
C LEU B 38 26.42 -1.80 -2.46
N GLY B 39 27.74 -1.62 -2.47
CA GLY B 39 28.30 -0.31 -2.18
C GLY B 39 28.98 0.30 -3.38
N ASN B 40 30.20 0.80 -3.15
CA ASN B 40 30.98 1.45 -4.19
C ASN B 40 32.01 0.58 -4.87
N LEU B 41 32.20 0.81 -6.16
CA LEU B 41 33.18 0.07 -6.94
C LEU B 41 34.41 0.95 -7.10
N GLU B 42 35.45 0.67 -6.33
CA GLU B 42 36.68 1.47 -6.35
C GLU B 42 37.89 0.76 -6.92
N ILE B 43 38.15 0.97 -8.20
CA ILE B 43 39.31 0.37 -8.86
C ILE B 43 40.40 1.44 -8.90
N THR B 44 41.38 1.32 -8.00
CA THR B 44 42.46 2.30 -7.91
C THR B 44 43.85 1.70 -7.83
N TYR B 45 44.84 2.51 -8.24
CA TYR B 45 46.25 2.14 -8.22
C TYR B 45 46.63 0.82 -8.85
N VAL B 46 45.85 0.35 -9.82
CA VAL B 46 46.17 -0.91 -10.46
C VAL B 46 47.25 -0.60 -11.48
N GLN B 47 48.30 -1.40 -11.46
CA GLN B 47 49.45 -1.18 -12.33
C GLN B 47 49.43 -1.89 -13.65
N ARG B 48 50.35 -1.48 -14.52
CA ARG B 48 50.44 -2.03 -15.85
C ARG B 48 50.60 -3.54 -15.83
N ASN B 49 49.88 -4.19 -16.73
CA ASN B 49 49.92 -5.62 -16.90
C ASN B 49 49.20 -6.45 -15.85
N TYR B 50 48.62 -5.80 -14.85
CA TYR B 50 47.87 -6.55 -13.85
C TYR B 50 46.54 -7.00 -14.49
N ASP B 51 46.15 -8.24 -14.26
CA ASP B 51 44.92 -8.80 -14.83
C ASP B 51 43.69 -8.37 -14.03
N LEU B 52 42.77 -7.69 -14.70
CA LEU B 52 41.55 -7.19 -14.07
C LEU B 52 40.35 -7.85 -14.72
N SER B 53 40.58 -8.94 -15.42
CA SER B 53 39.53 -9.65 -16.14
C SER B 53 38.35 -10.02 -15.26
N PHE B 54 38.58 -10.07 -13.94
CA PHE B 54 37.51 -10.42 -13.01
C PHE B 54 36.50 -9.30 -12.85
N LEU B 55 36.58 -8.28 -13.68
CA LEU B 55 35.63 -7.18 -13.57
C LEU B 55 34.53 -7.35 -14.60
N LYS B 56 34.73 -8.30 -15.51
CA LYS B 56 33.75 -8.58 -16.55
C LYS B 56 32.42 -9.07 -15.96
N THR B 57 32.48 -9.67 -14.78
CA THR B 57 31.27 -10.19 -14.14
C THR B 57 30.39 -9.16 -13.45
N ILE B 58 30.94 -7.97 -13.18
CA ILE B 58 30.17 -6.92 -12.53
C ILE B 58 29.05 -6.41 -13.43
N GLN B 59 27.83 -6.36 -12.91
CA GLN B 59 26.70 -5.91 -13.70
C GLN B 59 26.03 -4.63 -13.22
N GLU B 60 26.04 -4.41 -11.90
CA GLU B 60 25.46 -3.18 -11.40
C GLU B 60 26.13 -2.74 -10.13
N VAL B 61 26.05 -1.44 -9.83
CA VAL B 61 26.67 -0.87 -8.65
C VAL B 61 25.71 0.10 -7.99
N ALA B 62 25.38 -0.19 -6.73
CA ALA B 62 24.44 0.64 -5.99
C ALA B 62 24.96 2.02 -5.65
N GLY B 63 26.22 2.09 -5.23
CA GLY B 63 26.83 3.36 -4.85
C GLY B 63 27.49 4.06 -6.02
N TYR B 64 28.73 4.53 -5.86
CA TYR B 64 29.44 5.18 -6.97
C TYR B 64 30.56 4.31 -7.52
N VAL B 65 31.10 4.72 -8.68
CA VAL B 65 32.19 4.03 -9.36
C VAL B 65 33.37 4.99 -9.45
N LEU B 66 34.43 4.69 -8.70
CA LEU B 66 35.64 5.50 -8.67
C LEU B 66 36.80 4.79 -9.34
N ILE B 67 37.27 5.35 -10.46
CA ILE B 67 38.40 4.78 -11.20
C ILE B 67 39.49 5.86 -11.19
N ALA B 68 40.48 5.68 -10.31
CA ALA B 68 41.54 6.67 -10.18
C ALA B 68 42.95 6.12 -9.93
N LEU B 69 43.92 6.85 -10.49
CA LEU B 69 45.34 6.58 -10.38
C LEU B 69 45.74 5.19 -10.83
N ASN B 70 45.22 4.75 -11.96
CA ASN B 70 45.57 3.43 -12.46
C ASN B 70 46.44 3.50 -13.68
N THR B 71 47.51 2.72 -13.70
CA THR B 71 48.40 2.73 -14.85
C THR B 71 48.08 1.54 -15.74
N VAL B 72 47.32 0.58 -15.22
CA VAL B 72 46.95 -0.59 -16.01
C VAL B 72 46.33 -0.02 -17.28
N GLU B 73 46.41 -0.76 -18.38
CA GLU B 73 45.87 -0.19 -19.61
C GLU B 73 44.42 -0.46 -19.95
N ARG B 74 43.88 -1.57 -19.48
CA ARG B 74 42.50 -1.91 -19.77
C ARG B 74 41.70 -2.28 -18.52
N ILE B 75 40.53 -1.69 -18.38
CA ILE B 75 39.65 -1.97 -17.25
C ILE B 75 38.33 -2.45 -17.85
N PRO B 76 38.23 -3.76 -18.11
CA PRO B 76 37.10 -4.48 -18.69
C PRO B 76 35.74 -4.47 -17.98
N LEU B 77 35.24 -3.31 -17.60
CA LEU B 77 33.92 -3.24 -16.98
C LEU B 77 32.91 -3.43 -18.11
N GLU B 78 33.17 -4.42 -18.95
CA GLU B 78 32.33 -4.70 -20.11
C GLU B 78 30.86 -4.94 -19.87
N ASN B 79 30.51 -5.48 -18.70
CA ASN B 79 29.10 -5.75 -18.40
C ASN B 79 28.44 -4.86 -17.38
N LEU B 80 29.15 -3.87 -16.88
CA LEU B 80 28.54 -2.96 -15.92
C LEU B 80 27.36 -2.34 -16.66
N GLN B 81 26.15 -2.46 -16.12
CA GLN B 81 24.96 -1.90 -16.76
C GLN B 81 24.39 -0.64 -16.15
N ILE B 82 24.40 -0.57 -14.83
CA ILE B 82 23.86 0.58 -14.15
C ILE B 82 24.64 0.94 -12.90
N ILE B 83 24.68 2.23 -12.61
CA ILE B 83 25.34 2.74 -11.41
C ILE B 83 24.22 3.48 -10.70
N ARG B 84 23.62 2.86 -9.70
CA ARG B 84 22.50 3.51 -9.04
C ARG B 84 22.81 4.88 -8.46
N GLY B 85 23.97 5.05 -7.86
CA GLY B 85 24.32 6.35 -7.31
C GLY B 85 23.69 6.59 -5.96
N ASN B 86 23.47 5.51 -5.22
CA ASN B 86 22.87 5.59 -3.89
C ASN B 86 23.72 6.40 -2.93
N MET B 87 25.01 6.48 -3.21
CA MET B 87 25.92 7.25 -2.38
C MET B 87 26.87 7.90 -3.37
N TYR B 88 27.25 9.15 -3.13
CA TYR B 88 28.13 9.88 -4.04
C TYR B 88 29.60 9.98 -3.60
N TYR B 89 30.43 10.34 -4.56
CA TYR B 89 31.85 10.55 -4.34
C TYR B 89 32.05 12.04 -4.54
N GLU B 90 32.60 12.72 -3.54
CA GLU B 90 32.82 14.17 -3.62
C GLU B 90 31.49 14.92 -3.63
N ASN B 91 30.46 14.29 -3.07
CA ASN B 91 29.11 14.86 -2.98
C ASN B 91 28.38 15.06 -4.31
N SER B 92 28.93 14.61 -5.42
CA SER B 92 28.24 14.85 -6.69
C SER B 92 28.23 13.75 -7.73
N TYR B 93 29.30 12.96 -7.79
CA TYR B 93 29.40 11.94 -8.83
C TYR B 93 29.12 10.50 -8.50
N ALA B 94 28.49 9.83 -9.45
CA ALA B 94 28.20 8.42 -9.29
C ALA B 94 29.34 7.73 -10.03
N LEU B 95 29.94 8.44 -10.98
CA LEU B 95 31.05 7.92 -11.77
C LEU B 95 32.21 8.93 -11.86
N ALA B 96 33.38 8.54 -11.38
CA ALA B 96 34.56 9.41 -11.44
C ALA B 96 35.80 8.70 -11.93
N VAL B 97 36.27 9.06 -13.13
CA VAL B 97 37.49 8.49 -13.69
C VAL B 97 38.57 9.59 -13.53
N LEU B 98 39.47 9.39 -12.56
CA LEU B 98 40.49 10.41 -12.27
C LEU B 98 41.97 10.06 -12.24
N SER B 99 42.75 10.88 -12.95
CA SER B 99 44.21 10.79 -13.00
C SER B 99 44.72 9.38 -13.16
N ASN B 100 44.38 8.75 -14.27
CA ASN B 100 44.82 7.38 -14.49
C ASN B 100 45.98 7.29 -15.45
N TYR B 101 47.16 7.66 -14.95
CA TYR B 101 48.40 7.63 -15.73
C TYR B 101 49.63 7.74 -14.82
N ASP B 102 50.73 7.14 -15.27
CA ASP B 102 51.98 7.17 -14.51
C ASP B 102 52.67 8.52 -14.70
N ALA B 103 53.94 8.47 -15.13
CA ALA B 103 54.73 9.67 -15.34
C ALA B 103 54.69 10.14 -16.80
N ASN B 104 55.26 9.32 -17.68
CA ASN B 104 55.33 9.64 -19.11
C ASN B 104 54.00 9.56 -19.88
N LYS B 105 52.95 10.13 -19.29
CA LYS B 105 51.63 10.11 -19.92
C LYS B 105 51.22 8.71 -20.37
N THR B 106 51.45 7.73 -19.51
CA THR B 106 51.10 6.34 -19.80
C THR B 106 50.03 5.94 -18.78
N GLY B 107 48.92 5.40 -19.26
CA GLY B 107 47.87 5.03 -18.33
C GLY B 107 46.72 4.30 -18.95
N LEU B 108 45.55 4.43 -18.32
CA LEU B 108 44.35 3.78 -18.78
C LEU B 108 44.07 4.17 -20.23
N LYS B 109 43.73 3.20 -21.05
CA LYS B 109 43.45 3.49 -22.44
C LYS B 109 42.10 2.94 -22.87
N GLU B 110 41.78 1.75 -22.38
CA GLU B 110 40.54 1.08 -22.72
C GLU B 110 39.62 0.89 -21.51
N LEU B 111 38.50 1.61 -21.50
CA LEU B 111 37.49 1.53 -20.44
C LEU B 111 36.17 1.25 -21.19
N PRO B 112 36.08 0.12 -21.89
CA PRO B 112 34.89 -0.26 -22.65
C PRO B 112 33.61 -0.60 -21.88
N MET B 113 32.96 0.42 -21.32
CA MET B 113 31.71 0.22 -20.60
C MET B 113 30.55 0.22 -21.60
N ARG B 114 30.62 -0.76 -22.51
CA ARG B 114 29.67 -0.97 -23.61
C ARG B 114 28.24 -1.27 -23.21
N ASN B 115 27.95 -1.31 -21.92
CA ASN B 115 26.59 -1.59 -21.46
C ASN B 115 26.09 -0.56 -20.45
N LEU B 116 26.99 0.25 -19.93
CA LEU B 116 26.60 1.27 -18.97
C LEU B 116 25.58 2.17 -19.66
N GLN B 117 24.31 1.92 -19.39
CA GLN B 117 23.28 2.73 -20.00
C GLN B 117 22.51 3.61 -19.03
N GLU B 118 22.76 3.44 -17.74
CA GLU B 118 22.05 4.24 -16.77
C GLU B 118 22.83 4.60 -15.52
N ILE B 119 22.70 5.85 -15.09
CA ILE B 119 23.32 6.35 -13.87
C ILE B 119 22.18 7.11 -13.21
N LEU B 120 21.22 6.36 -12.68
CA LEU B 120 20.04 6.91 -12.02
C LEU B 120 20.25 8.19 -11.25
N HIS B 121 21.28 8.23 -10.43
CA HIS B 121 21.54 9.44 -9.65
C HIS B 121 22.99 9.87 -9.78
N GLY B 122 23.25 11.15 -9.53
CA GLY B 122 24.60 11.66 -9.57
C GLY B 122 25.21 12.06 -10.91
N ALA B 123 26.26 12.88 -10.83
CA ALA B 123 26.95 13.36 -12.01
C ALA B 123 28.14 12.48 -12.37
N VAL B 124 28.68 12.72 -13.55
CA VAL B 124 29.83 11.99 -14.05
C VAL B 124 30.99 12.98 -14.12
N ARG B 125 32.21 12.49 -13.97
CA ARG B 125 33.39 13.36 -14.02
C ARG B 125 34.66 12.67 -14.46
N PHE B 126 35.10 13.01 -15.68
CA PHE B 126 36.33 12.49 -16.24
C PHE B 126 37.38 13.59 -16.15
N SER B 127 38.64 13.22 -15.91
CA SER B 127 39.68 14.22 -15.77
C SER B 127 41.09 13.65 -15.59
N ASN B 128 42.02 14.17 -16.39
CA ASN B 128 43.41 13.78 -16.36
C ASN B 128 43.64 12.33 -16.73
N ASN B 129 43.16 11.94 -17.90
CA ASN B 129 43.35 10.57 -18.33
C ASN B 129 44.09 10.64 -19.68
N PRO B 130 45.34 11.16 -19.62
CA PRO B 130 46.27 11.37 -20.73
C PRO B 130 46.27 10.31 -21.81
N ALA B 131 45.83 9.11 -21.48
CA ALA B 131 45.84 8.03 -22.47
C ALA B 131 44.49 7.48 -22.85
N LEU B 132 43.43 7.98 -22.23
CA LEU B 132 42.07 7.46 -22.47
C LEU B 132 41.47 7.64 -23.86
N CYS B 133 41.15 6.52 -24.50
CA CYS B 133 40.59 6.50 -25.84
C CYS B 133 39.06 6.33 -25.94
N ASN B 134 38.53 6.66 -27.11
CA ASN B 134 37.12 6.55 -27.44
C ASN B 134 36.09 7.27 -26.54
N VAL B 135 36.06 6.93 -25.27
CA VAL B 135 35.12 7.51 -24.32
C VAL B 135 34.60 8.92 -24.67
N GLU B 136 35.44 9.80 -25.20
CA GLU B 136 34.98 11.15 -25.55
C GLU B 136 33.79 11.17 -26.54
N SER B 137 33.66 10.12 -27.35
CA SER B 137 32.59 10.01 -28.32
C SER B 137 31.23 9.71 -27.66
N ILE B 138 31.28 9.22 -26.43
CA ILE B 138 30.06 8.88 -25.71
C ILE B 138 29.14 10.06 -25.49
N GLN B 139 27.85 9.81 -25.70
CA GLN B 139 26.77 10.78 -25.51
C GLN B 139 26.19 10.41 -24.15
N TRP B 140 26.49 11.21 -23.14
CA TRP B 140 26.02 10.91 -21.80
C TRP B 140 24.58 11.30 -21.52
N ARG B 141 23.94 11.91 -22.52
CA ARG B 141 22.57 12.36 -22.37
C ARG B 141 21.60 11.19 -22.35
N ASP B 142 22.02 10.06 -22.91
CA ASP B 142 21.21 8.84 -22.97
C ASP B 142 21.53 7.95 -21.76
N ILE B 143 22.56 8.32 -21.02
CA ILE B 143 22.99 7.54 -19.86
C ILE B 143 22.72 8.14 -18.50
N VAL B 144 23.00 9.44 -18.36
CA VAL B 144 22.83 10.15 -17.11
C VAL B 144 21.44 10.76 -16.92
N SER B 145 21.13 11.09 -15.67
CA SER B 145 19.86 11.71 -15.34
C SER B 145 19.83 13.12 -15.91
N SER B 146 18.72 13.49 -16.51
CA SER B 146 18.55 14.80 -17.12
C SER B 146 18.73 15.94 -16.11
N ASP B 147 18.94 15.60 -14.85
CA ASP B 147 19.11 16.60 -13.81
C ASP B 147 20.58 16.83 -13.47
N PHE B 148 21.45 15.96 -13.96
CA PHE B 148 22.87 16.08 -13.68
C PHE B 148 23.73 16.32 -14.91
N LEU B 149 23.10 16.35 -16.09
CA LEU B 149 23.83 16.59 -17.33
C LEU B 149 24.64 17.88 -17.24
N SER B 150 24.08 18.86 -16.53
CA SER B 150 24.74 20.15 -16.35
C SER B 150 25.68 20.12 -15.15
N ASN B 151 25.54 19.09 -14.33
CA ASN B 151 26.39 18.93 -13.15
C ASN B 151 27.63 18.21 -13.64
N MET B 152 27.56 17.78 -14.90
CA MET B 152 28.63 17.04 -15.57
C MET B 152 29.97 17.76 -15.66
N SER B 153 31.02 16.97 -15.79
CA SER B 153 32.39 17.49 -15.89
C SER B 153 33.22 16.53 -16.74
N MET B 154 32.71 16.24 -17.94
CA MET B 154 33.39 15.35 -18.88
C MET B 154 34.71 15.96 -19.35
N ASP B 155 35.50 15.16 -20.05
CA ASP B 155 36.80 15.59 -20.58
C ASP B 155 37.60 14.37 -20.96
N PHE B 156 38.20 14.38 -22.15
CA PHE B 156 38.98 13.24 -22.61
C PHE B 156 40.10 13.66 -23.56
N GLN B 157 40.72 14.80 -23.25
CA GLN B 157 41.83 15.31 -24.06
C GLN B 157 43.03 14.39 -23.91
N ASN B 158 43.34 13.66 -24.98
CA ASN B 158 44.42 12.69 -24.98
C ASN B 158 45.34 12.76 -26.22
N HIS B 159 45.92 11.61 -26.55
CA HIS B 159 46.78 11.46 -27.72
C HIS B 159 45.92 10.84 -28.81
N LEU B 160 45.20 11.70 -29.53
CA LEU B 160 44.31 11.28 -30.61
C LEU B 160 44.88 10.19 -31.50
N GLY B 161 46.19 10.21 -31.70
CA GLY B 161 46.85 9.23 -32.54
C GLY B 161 46.86 7.79 -32.05
N SER B 162 46.91 7.61 -30.74
CA SER B 162 46.95 6.27 -30.15
C SER B 162 45.58 5.64 -30.07
N CYS B 163 44.57 6.41 -30.42
CA CYS B 163 43.19 5.95 -30.37
C CYS B 163 42.61 5.58 -31.72
N GLN B 164 42.11 4.36 -31.84
CA GLN B 164 41.50 3.88 -33.08
C GLN B 164 40.17 4.59 -33.37
N LYS B 165 39.68 4.45 -34.60
CA LYS B 165 38.41 5.05 -34.99
C LYS B 165 37.30 4.16 -34.46
N CYS B 166 36.19 4.77 -34.03
CA CYS B 166 35.07 4.01 -33.49
C CYS B 166 34.72 2.81 -34.36
N ASP B 167 33.86 3.05 -35.34
CA ASP B 167 33.43 2.03 -36.27
C ASP B 167 32.34 2.67 -37.10
N PRO B 168 32.18 2.22 -38.35
CA PRO B 168 31.16 2.79 -39.22
C PRO B 168 29.75 2.73 -38.62
N SER B 169 29.37 1.56 -38.15
CA SER B 169 28.04 1.35 -37.58
C SER B 169 27.78 1.91 -36.18
N CYS B 170 28.49 2.98 -35.80
CA CYS B 170 28.27 3.56 -34.48
C CYS B 170 27.41 4.81 -34.52
N PRO B 171 26.42 4.89 -33.63
CA PRO B 171 25.54 6.06 -33.59
C PRO B 171 26.30 7.34 -33.27
N ASN B 172 26.51 8.16 -34.29
CA ASN B 172 27.21 9.43 -34.15
C ASN B 172 28.66 9.21 -33.72
N GLY B 173 29.31 8.22 -34.31
CA GLY B 173 30.68 7.92 -33.95
C GLY B 173 30.86 7.81 -32.46
N SER B 174 29.94 7.09 -31.81
CA SER B 174 29.98 6.89 -30.37
C SER B 174 30.30 5.43 -30.07
N CYS B 175 31.40 5.20 -29.35
CA CYS B 175 31.81 3.85 -29.03
C CYS B 175 32.72 3.90 -27.80
N TRP B 176 32.76 2.82 -27.04
CA TRP B 176 33.61 2.78 -25.86
C TRP B 176 34.96 2.20 -26.21
N GLY B 177 35.03 1.59 -27.39
CA GLY B 177 36.28 1.01 -27.83
C GLY B 177 36.25 0.73 -29.31
N ALA B 178 37.17 -0.11 -29.78
CA ALA B 178 37.23 -0.45 -31.18
C ALA B 178 36.24 -1.56 -31.48
N GLY B 179 35.78 -1.63 -32.73
CA GLY B 179 34.83 -2.66 -33.10
C GLY B 179 33.38 -2.29 -32.90
N GLU B 180 32.49 -3.02 -33.57
CA GLU B 180 31.05 -2.81 -33.47
C GLU B 180 30.53 -3.03 -32.05
N GLU B 181 30.85 -4.18 -31.49
CA GLU B 181 30.43 -4.57 -30.15
C GLU B 181 30.59 -3.51 -29.08
N ASN B 182 31.27 -2.41 -29.42
CA ASN B 182 31.49 -1.35 -28.47
C ASN B 182 30.86 -0.03 -28.87
N CYS B 183 29.96 -0.08 -29.85
CA CYS B 183 29.26 1.14 -30.27
C CYS B 183 28.31 1.52 -29.12
N GLN B 184 28.17 2.82 -28.85
CA GLN B 184 27.29 3.25 -27.76
C GLN B 184 25.82 2.89 -27.97
N LYS B 185 25.40 1.75 -27.43
CA LYS B 185 24.02 1.27 -27.53
C LYS B 185 23.09 2.31 -26.89
N LEU B 186 22.21 2.91 -27.69
CA LEU B 186 21.28 3.93 -27.19
C LEU B 186 19.90 3.36 -26.81
N THR B 187 19.32 3.89 -25.72
CA THR B 187 18.00 3.44 -25.27
C THR B 187 17.15 4.55 -24.63
N LYS B 188 17.54 5.81 -24.79
CA LYS B 188 16.77 6.92 -24.23
C LYS B 188 16.53 8.07 -25.22
N ILE B 189 17.61 8.69 -25.67
CA ILE B 189 17.53 9.81 -26.60
C ILE B 189 16.90 9.45 -27.96
N ILE B 190 16.91 8.18 -28.33
CA ILE B 190 16.35 7.76 -29.62
C ILE B 190 14.93 7.23 -29.48
N CYS B 191 14.28 7.53 -28.37
CA CYS B 191 12.93 7.03 -28.12
C CYS B 191 11.80 7.71 -28.87
N ALA B 192 10.77 6.93 -29.19
CA ALA B 192 9.60 7.42 -29.91
C ALA B 192 8.72 8.36 -29.07
N GLN B 193 9.14 9.61 -28.96
CA GLN B 193 8.45 10.67 -28.23
C GLN B 193 7.39 10.31 -27.17
N GLN B 194 6.33 9.63 -27.58
CA GLN B 194 5.25 9.27 -26.66
C GLN B 194 5.61 8.33 -25.50
N CYS B 195 6.86 7.91 -25.41
CA CYS B 195 7.29 7.02 -24.34
C CYS B 195 7.70 7.86 -23.13
N SER B 196 7.70 7.28 -21.94
CA SER B 196 8.07 8.02 -20.72
C SER B 196 9.48 7.73 -20.19
N GLY B 197 10.11 6.69 -20.69
CA GLY B 197 11.45 6.36 -20.24
C GLY B 197 12.20 5.55 -21.28
N ARG B 198 13.30 4.95 -20.88
CA ARG B 198 14.11 4.15 -21.80
C ARG B 198 13.26 3.34 -22.77
N CYS B 199 13.82 3.07 -23.95
CA CYS B 199 13.13 2.30 -24.97
C CYS B 199 14.13 1.30 -25.52
N ARG B 200 13.71 0.50 -26.49
CA ARG B 200 14.58 -0.49 -27.09
C ARG B 200 14.68 -0.26 -28.59
N GLY B 201 14.27 0.93 -29.01
CA GLY B 201 14.32 1.25 -30.43
C GLY B 201 13.75 2.62 -30.74
N LYS B 202 13.64 2.93 -32.03
CA LYS B 202 13.11 4.22 -32.47
C LYS B 202 11.59 4.17 -32.65
N SER B 203 11.05 2.96 -32.85
CA SER B 203 9.62 2.79 -33.04
C SER B 203 8.78 3.00 -31.78
N PRO B 204 7.48 3.29 -31.94
CA PRO B 204 6.54 3.51 -30.82
C PRO B 204 6.13 2.21 -30.14
N SER B 205 6.38 1.09 -30.82
CA SER B 205 6.03 -0.22 -30.28
C SER B 205 7.22 -0.73 -29.50
N ASP B 206 8.36 -0.08 -29.71
CA ASP B 206 9.60 -0.48 -29.09
C ASP B 206 10.04 0.19 -27.81
N CYS B 207 9.13 0.63 -26.95
CA CYS B 207 9.67 1.20 -25.73
C CYS B 207 9.33 0.48 -24.45
N CYS B 208 10.19 0.70 -23.47
CA CYS B 208 10.12 0.07 -22.17
C CYS B 208 9.08 0.53 -21.17
N HIS B 209 8.72 -0.41 -20.30
CA HIS B 209 7.76 -0.17 -19.24
C HIS B 209 8.32 0.98 -18.42
N ASN B 210 7.43 1.72 -17.78
CA ASN B 210 7.83 2.87 -16.99
C ASN B 210 8.90 2.57 -15.94
N GLN B 211 8.90 1.34 -15.43
CA GLN B 211 9.82 0.95 -14.38
C GLN B 211 11.18 0.42 -14.83
N CYS B 212 11.32 0.12 -16.11
CA CYS B 212 12.58 -0.37 -16.62
C CYS B 212 13.72 0.62 -16.48
N ALA B 213 14.83 0.14 -15.91
CA ALA B 213 16.04 0.95 -15.74
C ALA B 213 17.02 0.47 -16.80
N ALA B 214 17.83 1.39 -17.31
CA ALA B 214 18.82 1.05 -18.33
C ALA B 214 18.20 0.71 -19.67
N GLY B 215 17.38 -0.35 -19.71
CA GLY B 215 16.76 -0.75 -20.96
C GLY B 215 15.84 -1.97 -20.83
N CYS B 216 15.42 -2.54 -21.97
CA CYS B 216 14.53 -3.70 -21.93
C CYS B 216 14.55 -4.60 -23.17
N THR B 217 13.91 -5.76 -23.03
CA THR B 217 13.81 -6.75 -24.10
C THR B 217 12.36 -7.05 -24.43
N GLY B 218 11.45 -6.24 -23.91
CA GLY B 218 10.03 -6.42 -24.15
C GLY B 218 9.26 -5.15 -23.79
N PRO B 219 7.93 -5.16 -23.91
CA PRO B 219 7.14 -3.97 -23.57
C PRO B 219 6.48 -4.09 -22.20
N ARG B 220 6.40 -5.33 -21.71
CA ARG B 220 5.77 -5.63 -20.42
C ARG B 220 6.55 -5.08 -19.22
N GLU B 221 6.22 -5.60 -18.05
CA GLU B 221 6.83 -5.17 -16.80
C GLU B 221 7.82 -6.22 -16.30
N SER B 222 7.96 -7.29 -17.07
CA SER B 222 8.88 -8.35 -16.72
C SER B 222 9.95 -8.50 -17.79
N ASP B 223 10.11 -7.44 -18.59
CA ASP B 223 11.11 -7.44 -19.66
C ASP B 223 12.25 -6.45 -19.42
N CYS B 224 12.29 -5.86 -18.24
CA CYS B 224 13.32 -4.87 -17.90
C CYS B 224 14.72 -5.49 -17.83
N LEU B 225 15.75 -4.71 -18.17
CA LEU B 225 17.13 -5.19 -18.08
C LEU B 225 17.44 -5.18 -16.60
N VAL B 226 16.97 -4.12 -15.95
CA VAL B 226 17.15 -3.92 -14.54
C VAL B 226 16.01 -2.97 -14.09
N CYS B 227 15.68 -3.00 -12.81
CA CYS B 227 14.60 -2.19 -12.24
C CYS B 227 15.03 -0.83 -11.71
N ARG B 228 14.12 0.14 -11.76
CA ARG B 228 14.35 1.50 -11.25
C ARG B 228 14.15 1.54 -9.75
N LYS B 229 13.13 0.85 -9.25
CA LYS B 229 12.85 0.81 -7.81
C LYS B 229 12.78 -0.62 -7.28
N PHE B 230 11.60 -1.08 -6.88
CA PHE B 230 11.49 -2.43 -6.34
C PHE B 230 11.58 -3.55 -7.34
N ARG B 231 11.88 -4.73 -6.83
CA ARG B 231 11.95 -5.93 -7.63
C ARG B 231 10.98 -6.95 -7.01
N ASP B 232 9.93 -7.28 -7.75
CA ASP B 232 8.95 -8.25 -7.29
C ASP B 232 9.14 -9.49 -8.15
N GLU B 233 10.06 -10.34 -7.70
CA GLU B 233 10.39 -11.57 -8.40
C GLU B 233 10.86 -11.25 -9.81
N ALA B 234 10.01 -11.52 -10.80
CA ALA B 234 10.38 -11.26 -12.18
C ALA B 234 9.86 -9.95 -12.74
N THR B 235 9.37 -9.05 -11.89
CA THR B 235 8.87 -7.78 -12.41
C THR B 235 9.47 -6.56 -11.72
N CYS B 236 9.37 -5.41 -12.38
CA CYS B 236 9.86 -4.19 -11.80
C CYS B 236 8.63 -3.39 -11.42
N LYS B 237 8.50 -3.05 -10.14
CA LYS B 237 7.33 -2.32 -9.66
C LYS B 237 7.60 -1.04 -8.89
N ASP B 238 6.68 -0.08 -8.98
CA ASP B 238 6.80 1.19 -8.28
C ASP B 238 6.68 0.96 -6.78
N THR B 239 5.91 -0.05 -6.38
CA THR B 239 5.77 -0.40 -4.97
C THR B 239 5.39 -1.87 -4.88
N CYS B 240 5.74 -2.51 -3.77
CA CYS B 240 5.39 -3.92 -3.57
C CYS B 240 3.88 -4.07 -3.39
N PRO B 241 3.29 -5.09 -4.03
CA PRO B 241 1.84 -5.28 -3.89
C PRO B 241 1.45 -5.41 -2.41
N PRO B 242 0.58 -4.50 -1.91
CA PRO B 242 0.14 -4.50 -0.50
C PRO B 242 -0.60 -5.77 -0.09
N LEU B 243 -0.45 -6.12 1.17
CA LEU B 243 -1.10 -7.30 1.72
C LEU B 243 -2.61 -7.09 1.76
N MET B 244 -3.01 -5.84 1.95
CA MET B 244 -4.41 -5.47 2.00
C MET B 244 -4.76 -4.41 0.95
N LEU B 245 -5.92 -4.54 0.33
CA LEU B 245 -6.38 -3.57 -0.65
C LEU B 245 -7.79 -3.10 -0.30
N TYR B 246 -7.99 -1.79 -0.29
CA TYR B 246 -9.29 -1.21 0.03
C TYR B 246 -10.33 -1.64 -0.99
N ASN B 247 -11.55 -1.86 -0.52
CA ASN B 247 -12.63 -2.24 -1.42
C ASN B 247 -13.58 -1.05 -1.47
N PRO B 248 -13.50 -0.24 -2.53
CA PRO B 248 -14.33 0.95 -2.70
C PRO B 248 -15.84 0.70 -2.54
N THR B 249 -16.30 -0.45 -2.99
CA THR B 249 -17.71 -0.78 -2.91
C THR B 249 -18.15 -1.10 -1.47
N THR B 250 -17.51 -2.10 -0.88
CA THR B 250 -17.83 -2.54 0.47
C THR B 250 -17.22 -1.71 1.59
N TYR B 251 -16.47 -0.68 1.22
CA TYR B 251 -15.80 0.21 2.19
C TYR B 251 -14.96 -0.50 3.24
N GLN B 252 -14.47 -1.69 2.93
CA GLN B 252 -13.62 -2.40 3.89
C GLN B 252 -12.30 -2.86 3.26
N MET B 253 -11.41 -3.40 4.09
CA MET B 253 -10.10 -3.88 3.62
C MET B 253 -10.09 -5.35 3.23
N ASP B 254 -9.72 -5.64 2.00
CA ASP B 254 -9.66 -7.03 1.55
C ASP B 254 -8.23 -7.55 1.62
N VAL B 255 -8.09 -8.87 1.64
CA VAL B 255 -6.78 -9.48 1.68
C VAL B 255 -6.31 -9.58 0.25
N ASN B 256 -5.06 -9.20 0.01
CA ASN B 256 -4.50 -9.27 -1.32
C ASN B 256 -3.66 -10.54 -1.41
N PRO B 257 -4.13 -11.51 -2.20
CA PRO B 257 -3.40 -12.78 -2.37
C PRO B 257 -2.05 -12.57 -3.06
N GLU B 258 -1.85 -11.38 -3.62
CA GLU B 258 -0.62 -11.04 -4.31
C GLU B 258 0.26 -10.21 -3.38
N GLY B 259 -0.17 -10.08 -2.13
CA GLY B 259 0.56 -9.30 -1.15
C GLY B 259 1.97 -9.78 -0.90
N LYS B 260 2.87 -8.83 -0.72
CA LYS B 260 4.27 -9.12 -0.48
C LYS B 260 4.79 -8.10 0.52
N TYR B 261 5.96 -8.38 1.09
CA TYR B 261 6.56 -7.46 2.04
C TYR B 261 7.74 -6.72 1.42
N SER B 262 7.92 -5.48 1.86
CA SER B 262 9.00 -4.65 1.34
C SER B 262 10.28 -4.70 2.17
N PHE B 263 11.30 -5.34 1.60
CA PHE B 263 12.59 -5.48 2.23
C PHE B 263 13.62 -4.78 1.34
N GLY B 264 14.04 -3.59 1.76
CA GLY B 264 15.01 -2.83 0.99
C GLY B 264 14.47 -2.50 -0.39
N ALA B 265 15.01 -3.14 -1.40
CA ALA B 265 14.55 -2.88 -2.75
C ALA B 265 13.94 -4.12 -3.36
N THR B 266 13.40 -4.99 -2.51
CA THR B 266 12.77 -6.19 -3.02
C THR B 266 11.41 -6.46 -2.36
N CYS B 267 10.61 -7.27 -3.04
CA CYS B 267 9.28 -7.63 -2.54
C CYS B 267 9.31 -9.11 -2.16
N VAL B 268 9.39 -9.36 -0.86
CA VAL B 268 9.47 -10.73 -0.36
C VAL B 268 8.19 -11.26 0.27
N LYS B 269 8.11 -12.59 0.33
CA LYS B 269 6.98 -13.31 0.90
C LYS B 269 6.96 -13.25 2.42
N LYS B 270 8.09 -12.93 3.03
CA LYS B 270 8.18 -12.89 4.48
C LYS B 270 9.33 -11.97 4.90
N CYS B 271 9.19 -11.31 6.05
CA CYS B 271 10.27 -10.46 6.53
C CYS B 271 11.33 -11.26 7.26
N PRO B 272 12.60 -10.81 7.19
CA PRO B 272 13.71 -11.49 7.84
C PRO B 272 13.44 -11.50 9.35
N ARG B 273 13.61 -12.67 9.97
CA ARG B 273 13.34 -12.82 11.39
C ARG B 273 13.85 -11.71 12.32
N ASN B 274 15.04 -11.18 12.06
CA ASN B 274 15.61 -10.12 12.90
C ASN B 274 14.89 -8.80 12.71
N TYR B 275 14.28 -8.64 11.54
CA TYR B 275 13.57 -7.42 11.22
C TYR B 275 12.22 -7.26 11.87
N VAL B 276 11.82 -6.00 12.00
CA VAL B 276 10.55 -5.68 12.58
C VAL B 276 9.54 -5.66 11.43
N VAL B 277 8.30 -6.04 11.70
CA VAL B 277 7.27 -6.02 10.67
C VAL B 277 6.27 -4.95 11.05
N THR B 278 6.09 -3.95 10.18
CA THR B 278 5.13 -2.89 10.47
C THR B 278 3.74 -3.24 9.96
N ASP B 279 2.78 -2.34 10.21
CA ASP B 279 1.42 -2.55 9.78
C ASP B 279 1.24 -2.14 8.31
N HIS B 280 2.32 -1.69 7.70
CA HIS B 280 2.28 -1.26 6.32
C HIS B 280 2.88 -2.29 5.38
N GLY B 281 2.95 -3.54 5.82
CA GLY B 281 3.50 -4.59 4.98
C GLY B 281 4.93 -4.40 4.54
N SER B 282 5.81 -4.06 5.49
CA SER B 282 7.21 -3.85 5.16
C SER B 282 8.13 -4.15 6.35
N CYS B 283 9.34 -4.61 6.03
CA CYS B 283 10.37 -4.95 7.01
C CYS B 283 11.21 -3.70 7.33
N VAL B 284 11.26 -3.35 8.61
CA VAL B 284 11.98 -2.17 9.05
C VAL B 284 13.12 -2.50 10.02
N ARG B 285 14.05 -1.56 10.18
CA ARG B 285 15.19 -1.75 11.08
C ARG B 285 14.85 -1.38 12.51
N ALA B 286 13.80 -0.56 12.69
CA ALA B 286 13.39 -0.15 14.03
C ALA B 286 12.04 0.57 14.09
N CYS B 287 11.44 0.58 15.28
CA CYS B 287 10.14 1.21 15.49
C CYS B 287 10.26 2.72 15.77
N GLY B 288 9.12 3.36 16.02
CA GLY B 288 9.08 4.78 16.29
C GLY B 288 9.61 5.21 17.64
N ALA B 289 9.52 6.51 17.92
CA ALA B 289 10.01 7.07 19.18
C ALA B 289 9.11 6.83 20.40
N ASP B 290 7.84 6.57 20.17
CA ASP B 290 6.90 6.33 21.26
C ASP B 290 6.33 4.92 21.16
N SER B 291 7.21 3.94 21.06
CA SER B 291 6.80 2.55 20.94
C SER B 291 7.93 1.59 21.31
N TYR B 292 7.70 0.30 21.11
CA TYR B 292 8.71 -0.70 21.38
C TYR B 292 8.39 -2.00 20.63
N GLU B 293 9.33 -2.92 20.59
CA GLU B 293 9.16 -4.18 19.86
C GLU B 293 8.57 -5.32 20.69
N MET B 294 7.60 -6.01 20.11
CA MET B 294 6.92 -7.14 20.77
C MET B 294 7.16 -8.43 19.98
N GLU B 295 7.32 -9.53 20.72
CA GLU B 295 7.54 -10.85 20.13
C GLU B 295 6.23 -11.61 20.14
N GLU B 296 5.89 -12.27 19.03
CA GLU B 296 4.64 -13.04 18.96
C GLU B 296 4.56 -13.98 17.76
N ASP B 297 4.52 -15.28 18.07
CA ASP B 297 4.44 -16.34 17.06
C ASP B 297 5.80 -16.55 16.42
N GLY B 298 6.44 -15.46 16.03
CA GLY B 298 7.74 -15.52 15.40
C GLY B 298 8.08 -14.16 14.82
N VAL B 299 7.06 -13.47 14.32
CA VAL B 299 7.24 -12.15 13.75
C VAL B 299 7.35 -11.09 14.85
N ARG B 300 8.20 -10.11 14.61
CA ARG B 300 8.40 -9.04 15.58
C ARG B 300 7.67 -7.79 15.09
N LYS B 301 6.78 -7.25 15.93
CA LYS B 301 6.00 -6.07 15.58
C LYS B 301 6.15 -4.95 16.59
N CYS B 302 5.73 -3.74 16.20
CA CYS B 302 5.82 -2.58 17.09
C CYS B 302 4.56 -2.41 17.94
N LYS B 303 4.68 -1.66 19.04
CA LYS B 303 3.56 -1.45 19.95
C LYS B 303 3.65 -0.08 20.64
N LYS B 304 2.52 0.59 20.76
CA LYS B 304 2.48 1.92 21.40
C LYS B 304 2.88 1.85 22.87
N CYS B 305 3.66 2.84 23.29
CA CYS B 305 4.15 2.92 24.67
C CYS B 305 3.08 3.23 25.71
N GLU B 306 2.88 2.29 26.63
CA GLU B 306 1.90 2.42 27.71
C GLU B 306 2.18 3.65 28.57
N GLY B 307 3.46 3.95 28.76
CA GLY B 307 3.85 5.11 29.55
C GLY B 307 5.17 5.65 29.02
N PRO B 308 5.90 6.40 29.85
CA PRO B 308 7.19 6.92 29.42
C PRO B 308 8.09 5.67 29.35
N CYS B 309 8.09 5.02 28.19
CA CYS B 309 8.85 3.79 27.97
C CYS B 309 10.36 3.81 28.01
N ARG B 310 10.92 2.66 27.61
CA ARG B 310 12.35 2.41 27.54
C ARG B 310 12.92 3.39 26.52
N LYS B 311 13.97 4.10 26.90
CA LYS B 311 14.57 5.09 26.00
C LYS B 311 15.54 4.48 24.98
N VAL B 312 15.32 4.81 23.71
CA VAL B 312 16.15 4.31 22.62
C VAL B 312 17.15 5.39 22.18
N CYS B 313 18.35 4.96 21.77
CA CYS B 313 19.40 5.88 21.33
C CYS B 313 19.98 5.51 19.97
N ASN B 314 20.06 6.50 19.07
CA ASN B 314 20.63 6.28 17.74
C ASN B 314 22.10 5.93 17.86
N GLY B 315 22.53 4.97 17.05
CA GLY B 315 23.92 4.56 17.08
C GLY B 315 24.80 5.40 16.18
N ILE B 316 26.03 4.97 16.00
CA ILE B 316 26.97 5.68 15.16
C ILE B 316 26.73 5.30 13.69
N GLY B 317 26.67 6.31 12.84
CA GLY B 317 26.45 6.07 11.43
C GLY B 317 25.00 6.30 11.00
N ILE B 318 24.21 6.84 11.92
CA ILE B 318 22.79 7.10 11.66
C ILE B 318 22.35 8.38 12.33
N GLY B 319 21.55 9.17 11.63
CA GLY B 319 21.07 10.42 12.18
C GLY B 319 22.16 11.46 12.37
N GLU B 320 22.24 12.00 13.59
CA GLU B 320 23.25 13.00 13.91
C GLU B 320 24.61 12.35 14.12
N PHE B 321 24.69 11.06 13.77
CA PHE B 321 25.94 10.31 13.93
C PHE B 321 26.32 9.63 12.62
N LYS B 322 25.68 10.04 11.54
CA LYS B 322 25.92 9.50 10.20
C LYS B 322 27.38 9.64 9.80
N ASP B 323 28.02 10.71 10.25
CA ASP B 323 29.41 10.94 9.91
C ASP B 323 30.36 10.91 11.09
N SER B 324 30.02 10.11 12.09
CA SER B 324 30.86 9.97 13.26
C SER B 324 31.54 8.61 13.15
N LEU B 325 32.85 8.56 13.36
CA LEU B 325 33.56 7.30 13.24
C LEU B 325 33.53 6.44 14.50
N SER B 326 33.31 7.08 15.64
CA SER B 326 33.30 6.34 16.90
C SER B 326 32.63 7.15 18.00
N ILE B 327 32.36 6.50 19.12
CA ILE B 327 31.79 7.18 20.25
C ILE B 327 32.96 8.02 20.73
N ASN B 328 32.73 9.30 20.98
CA ASN B 328 33.79 10.20 21.43
C ASN B 328 33.26 11.27 22.39
N ALA B 329 34.16 12.14 22.84
CA ALA B 329 33.80 13.21 23.77
C ALA B 329 32.51 13.89 23.32
N THR B 330 32.57 14.49 22.14
CA THR B 330 31.43 15.17 21.58
C THR B 330 30.14 14.33 21.61
N ASN B 331 30.27 13.04 21.30
CA ASN B 331 29.16 12.09 21.26
C ASN B 331 28.52 11.73 22.59
N ILE B 332 29.26 10.98 23.40
CA ILE B 332 28.82 10.52 24.71
C ILE B 332 27.62 11.30 25.26
N LYS B 333 27.70 12.61 25.14
CA LYS B 333 26.65 13.53 25.57
C LYS B 333 25.26 12.91 25.34
N HIS B 334 25.11 12.17 24.26
CA HIS B 334 23.84 11.57 23.89
C HIS B 334 23.62 10.10 24.24
N PHE B 335 24.54 9.47 24.97
CA PHE B 335 24.34 8.06 25.28
C PHE B 335 24.11 7.70 26.75
N LYS B 336 23.68 8.68 27.54
CA LYS B 336 23.43 8.42 28.96
C LYS B 336 22.04 7.80 29.15
N ASN B 337 21.95 6.86 30.10
CA ASN B 337 20.70 6.18 30.41
C ASN B 337 20.05 5.45 29.23
N CYS B 338 20.82 5.18 28.18
CA CYS B 338 20.25 4.47 27.04
C CYS B 338 19.97 3.05 27.50
N THR B 339 18.91 2.45 26.98
CA THR B 339 18.52 1.11 27.35
C THR B 339 18.67 0.17 26.16
N SER B 340 18.69 0.78 24.98
CA SER B 340 18.83 0.06 23.75
C SER B 340 19.54 0.94 22.73
N ILE B 341 20.36 0.34 21.88
CA ILE B 341 21.03 1.09 20.85
C ILE B 341 20.39 0.68 19.53
N SER B 342 19.70 1.62 18.89
CA SER B 342 19.07 1.34 17.61
C SER B 342 20.11 1.68 16.59
N GLY B 343 20.77 0.66 16.07
CA GLY B 343 21.81 0.91 15.09
C GLY B 343 23.11 0.25 15.52
N ASP B 344 24.21 0.99 15.48
CA ASP B 344 25.49 0.39 15.84
C ASP B 344 26.35 1.17 16.83
N LEU B 345 27.28 0.47 17.45
CA LEU B 345 28.21 1.11 18.38
C LEU B 345 29.61 0.88 17.81
N HIS B 346 30.36 1.96 17.65
CA HIS B 346 31.73 1.88 17.14
C HIS B 346 32.67 2.47 18.18
N ILE B 347 33.66 1.70 18.61
CA ILE B 347 34.63 2.24 19.55
C ILE B 347 35.99 2.10 18.87
N LEU B 348 36.56 3.21 18.41
CA LEU B 348 37.87 3.14 17.76
C LEU B 348 38.94 3.80 18.63
N PRO B 349 40.23 3.60 18.27
CA PRO B 349 41.33 4.19 19.04
C PRO B 349 41.15 5.70 19.08
N VAL B 350 40.61 6.23 17.99
CA VAL B 350 40.37 7.65 17.86
C VAL B 350 39.59 8.22 19.03
N ALA B 351 38.74 7.40 19.62
CA ALA B 351 37.93 7.86 20.74
C ALA B 351 38.79 8.51 21.82
N PHE B 352 39.56 7.69 22.52
CA PHE B 352 40.42 8.11 23.63
C PHE B 352 41.59 9.04 23.28
N ARG B 353 42.15 8.86 22.09
CA ARG B 353 43.27 9.67 21.64
C ARG B 353 42.81 11.06 21.19
N GLY B 354 41.69 11.11 20.48
CA GLY B 354 41.18 12.38 19.99
C GLY B 354 41.61 12.65 18.57
N ASP B 355 40.71 13.22 17.77
CA ASP B 355 41.03 13.52 16.38
C ASP B 355 41.06 15.01 16.21
N SER B 356 42.04 15.50 15.47
CA SER B 356 42.16 16.93 15.25
C SER B 356 41.51 17.35 13.94
N PHE B 357 41.35 16.39 13.04
CA PHE B 357 40.75 16.70 11.75
C PHE B 357 39.27 17.01 11.92
N THR B 358 38.68 16.54 13.02
CA THR B 358 37.26 16.78 13.27
C THR B 358 37.10 17.43 14.62
N HIS B 359 38.14 18.13 15.05
CA HIS B 359 38.16 18.85 16.33
C HIS B 359 37.44 18.08 17.43
N THR B 360 37.77 16.80 17.58
CA THR B 360 37.15 15.96 18.59
C THR B 360 38.07 15.74 19.80
N PRO B 361 37.80 16.46 20.89
CA PRO B 361 38.58 16.36 22.12
C PRO B 361 38.78 14.91 22.57
N PRO B 362 39.84 14.64 23.33
CA PRO B 362 40.08 13.27 23.80
C PRO B 362 38.85 12.84 24.57
N LEU B 363 38.83 11.59 25.01
CA LEU B 363 37.69 11.07 25.74
C LEU B 363 38.12 10.59 27.11
N ASP B 364 37.23 10.71 28.09
CA ASP B 364 37.54 10.28 29.44
C ASP B 364 37.11 8.81 29.55
N PRO B 365 38.05 7.88 29.39
CA PRO B 365 37.79 6.44 29.47
C PRO B 365 36.71 6.04 30.47
N GLN B 366 36.71 6.67 31.65
CA GLN B 366 35.73 6.35 32.68
C GLN B 366 34.27 6.52 32.22
N GLU B 367 34.06 7.46 31.30
CA GLU B 367 32.73 7.76 30.78
C GLU B 367 32.00 6.65 30.02
N LEU B 368 32.74 5.72 29.45
CA LEU B 368 32.10 4.64 28.72
C LEU B 368 31.20 3.78 29.59
N ASP B 369 31.28 3.95 30.91
CA ASP B 369 30.45 3.16 31.81
C ASP B 369 29.00 3.59 31.83
N ILE B 370 28.66 4.61 31.06
CA ILE B 370 27.29 5.07 31.01
C ILE B 370 26.52 4.13 30.11
N LEU B 371 27.27 3.38 29.32
CA LEU B 371 26.69 2.41 28.40
C LEU B 371 26.27 1.19 29.19
N LYS B 372 26.65 1.15 30.45
CA LYS B 372 26.33 0.02 31.31
C LYS B 372 24.82 -0.27 31.33
N THR B 373 24.03 0.73 30.96
CA THR B 373 22.59 0.56 30.97
C THR B 373 22.03 -0.04 29.69
N VAL B 374 22.87 -0.18 28.66
CA VAL B 374 22.46 -0.74 27.39
C VAL B 374 22.33 -2.26 27.44
N LYS B 375 21.14 -2.77 27.14
CA LYS B 375 20.88 -4.21 27.15
C LYS B 375 20.70 -4.72 25.74
N GLU B 376 20.44 -3.80 24.82
CA GLU B 376 20.22 -4.18 23.43
C GLU B 376 20.89 -3.30 22.39
N ILE B 377 21.39 -3.96 21.35
CA ILE B 377 22.03 -3.30 20.23
C ILE B 377 21.39 -3.87 18.96
N THR B 378 20.61 -3.03 18.29
CA THR B 378 19.89 -3.38 17.07
C THR B 378 20.79 -3.86 15.95
N GLY B 379 21.88 -3.15 15.72
CA GLY B 379 22.82 -3.55 14.68
C GLY B 379 24.00 -4.34 15.20
N PHE B 380 25.20 -3.85 14.90
CA PHE B 380 26.42 -4.51 15.33
C PHE B 380 27.24 -3.73 16.34
N LEU B 381 28.14 -4.45 17.00
CA LEU B 381 29.05 -3.89 17.98
C LEU B 381 30.49 -4.04 17.48
N LEU B 382 31.16 -2.93 17.22
CA LEU B 382 32.55 -2.96 16.76
C LEU B 382 33.46 -2.32 17.79
N ILE B 383 34.39 -3.09 18.33
CA ILE B 383 35.32 -2.58 19.32
C ILE B 383 36.78 -2.75 18.89
N GLN B 384 37.45 -1.63 18.58
CA GLN B 384 38.86 -1.65 18.15
C GLN B 384 39.78 -0.99 19.19
N ALA B 385 39.20 -0.45 20.25
CA ALA B 385 39.97 0.18 21.31
C ALA B 385 39.21 0.02 22.62
N TRP B 386 39.93 0.14 23.72
CA TRP B 386 39.33 0.00 25.03
C TRP B 386 40.28 0.60 26.05
N PRO B 387 39.76 1.29 27.06
CA PRO B 387 40.66 1.89 28.06
C PRO B 387 41.68 0.86 28.55
N GLU B 388 42.91 1.30 28.75
CA GLU B 388 43.95 0.39 29.22
C GLU B 388 43.67 -0.06 30.65
N ASN B 389 43.02 0.80 31.43
CA ASN B 389 42.70 0.49 32.82
C ASN B 389 41.46 -0.41 32.98
N ARG B 390 41.24 -1.29 32.00
CA ARG B 390 40.10 -2.20 32.03
C ARG B 390 40.52 -3.57 31.53
N THR B 391 40.22 -4.61 32.29
CA THR B 391 40.61 -5.96 31.89
C THR B 391 39.51 -6.78 31.20
N ASP B 392 38.29 -6.24 31.17
CA ASP B 392 37.16 -6.89 30.50
C ASP B 392 36.25 -5.80 29.91
N LEU B 393 35.39 -6.16 28.96
CA LEU B 393 34.49 -5.17 28.38
C LEU B 393 33.44 -4.80 29.41
N HIS B 394 33.91 -4.17 30.48
CA HIS B 394 33.10 -3.77 31.63
C HIS B 394 31.79 -3.07 31.32
N ALA B 395 31.87 -1.94 30.63
CA ALA B 395 30.67 -1.16 30.30
C ALA B 395 29.57 -1.94 29.58
N PHE B 396 29.88 -3.11 29.04
CA PHE B 396 28.89 -3.93 28.35
C PHE B 396 28.49 -5.17 29.15
N GLU B 397 28.71 -5.15 30.45
CA GLU B 397 28.36 -6.29 31.31
C GLU B 397 26.84 -6.60 31.34
N ASN B 398 26.02 -5.67 30.87
CA ASN B 398 24.58 -5.91 30.88
C ASN B 398 24.02 -6.23 29.50
N LEU B 399 24.82 -6.03 28.46
CA LEU B 399 24.39 -6.32 27.10
C LEU B 399 23.89 -7.75 27.00
N GLU B 400 22.65 -7.92 26.55
CA GLU B 400 22.03 -9.24 26.44
C GLU B 400 21.72 -9.58 24.99
N ILE B 401 21.47 -8.55 24.18
CA ILE B 401 21.10 -8.75 22.78
C ILE B 401 21.81 -7.90 21.74
N ILE B 402 22.21 -8.54 20.65
CA ILE B 402 22.82 -7.89 19.50
C ILE B 402 22.04 -8.49 18.34
N ARG B 403 21.18 -7.70 17.70
CA ARG B 403 20.40 -8.24 16.61
C ARG B 403 21.17 -8.37 15.30
N GLY B 404 22.02 -7.40 15.00
CA GLY B 404 22.82 -7.47 13.79
C GLY B 404 22.06 -7.17 12.51
N ARG B 405 21.08 -6.27 12.61
CA ARG B 405 20.30 -5.91 11.43
C ARG B 405 21.20 -5.21 10.44
N THR B 406 22.31 -4.70 10.96
CA THR B 406 23.30 -4.03 10.16
C THR B 406 24.58 -4.69 10.64
N LYS B 407 25.56 -4.84 9.78
CA LYS B 407 26.79 -5.50 10.17
C LYS B 407 28.01 -4.77 9.63
N GLN B 408 29.12 -4.83 10.36
CA GLN B 408 30.34 -4.19 9.92
C GLN B 408 30.84 -4.96 8.72
N HIS B 409 31.06 -4.24 7.63
CA HIS B 409 31.52 -4.79 6.36
C HIS B 409 30.51 -5.76 5.79
N GLY B 410 29.27 -5.65 6.26
CA GLY B 410 28.22 -6.52 5.79
C GLY B 410 28.44 -7.93 6.26
N GLN B 411 29.28 -8.12 7.28
CA GLN B 411 29.51 -9.47 7.75
C GLN B 411 29.47 -9.68 9.26
N PHE B 412 29.86 -8.68 10.04
CA PHE B 412 29.92 -8.91 11.46
C PHE B 412 29.06 -8.06 12.36
N SER B 413 28.53 -8.71 13.40
CA SER B 413 27.68 -8.06 14.37
C SER B 413 28.48 -7.85 15.66
N LEU B 414 29.51 -8.66 15.84
CA LEU B 414 30.40 -8.52 17.00
C LEU B 414 31.86 -8.61 16.53
N ALA B 415 32.58 -7.53 16.75
CA ALA B 415 33.98 -7.44 16.36
C ALA B 415 34.77 -6.78 17.48
N VAL B 416 35.52 -7.60 18.20
CA VAL B 416 36.37 -7.12 19.27
C VAL B 416 37.74 -7.47 18.74
N VAL B 417 38.55 -6.44 18.48
CA VAL B 417 39.88 -6.65 17.91
C VAL B 417 41.04 -5.91 18.55
N SER B 418 42.17 -6.63 18.65
CA SER B 418 43.42 -6.10 19.17
C SER B 418 43.36 -5.24 20.42
N LEU B 419 42.74 -5.76 21.47
CA LEU B 419 42.64 -5.05 22.74
C LEU B 419 43.56 -5.73 23.73
N ASN B 420 43.77 -5.13 24.89
CA ASN B 420 44.63 -5.71 25.92
C ASN B 420 43.83 -6.39 27.03
N ILE B 421 42.51 -6.56 26.83
CA ILE B 421 41.66 -7.19 27.85
C ILE B 421 42.03 -8.64 28.15
N THR B 422 41.70 -9.07 29.36
CA THR B 422 42.00 -10.42 29.80
C THR B 422 40.83 -11.37 29.60
N SER B 423 39.62 -10.81 29.65
CA SER B 423 38.41 -11.60 29.47
C SER B 423 37.30 -10.73 28.88
N LEU B 424 36.48 -11.33 28.02
CA LEU B 424 35.41 -10.58 27.40
C LEU B 424 34.50 -9.91 28.44
N GLY B 425 34.03 -10.69 29.40
CA GLY B 425 33.18 -10.16 30.46
C GLY B 425 31.74 -9.89 30.05
N LEU B 426 31.33 -10.45 28.92
CA LEU B 426 29.97 -10.25 28.45
C LEU B 426 29.06 -11.30 29.12
N ARG B 427 28.99 -11.21 30.44
CA ARG B 427 28.18 -12.12 31.27
C ARG B 427 26.68 -12.21 30.95
N SER B 428 26.07 -11.09 30.54
CA SER B 428 24.65 -11.09 30.21
C SER B 428 24.34 -11.49 28.77
N LEU B 429 25.34 -11.43 27.90
CA LEU B 429 25.11 -11.75 26.50
C LEU B 429 24.36 -13.07 26.33
N LYS B 430 23.19 -12.99 25.69
CA LYS B 430 22.37 -14.17 25.48
C LYS B 430 22.02 -14.46 24.05
N GLU B 431 22.12 -13.47 23.17
CA GLU B 431 21.77 -13.70 21.77
C GLU B 431 22.46 -12.77 20.77
N ILE B 432 22.85 -13.34 19.65
CA ILE B 432 23.47 -12.62 18.56
C ILE B 432 22.62 -13.11 17.41
N SER B 433 21.51 -12.40 17.22
CA SER B 433 20.51 -12.74 16.22
C SER B 433 21.01 -13.06 14.82
N ASP B 434 21.90 -12.22 14.30
CA ASP B 434 22.41 -12.44 12.95
C ASP B 434 23.85 -11.98 12.87
N GLY B 435 24.53 -12.30 11.77
CA GLY B 435 25.90 -11.88 11.58
C GLY B 435 26.98 -12.69 12.27
N ASP B 436 28.17 -12.69 11.66
CA ASP B 436 29.32 -13.42 12.18
C ASP B 436 29.99 -12.69 13.33
N VAL B 437 30.78 -13.44 14.10
CA VAL B 437 31.51 -12.93 15.25
C VAL B 437 33.02 -13.07 15.08
N ILE B 438 33.76 -12.00 15.33
CA ILE B 438 35.21 -12.08 15.22
C ILE B 438 35.90 -11.49 16.43
N ILE B 439 36.78 -12.28 17.00
CA ILE B 439 37.54 -11.87 18.17
C ILE B 439 38.97 -12.28 17.87
N SER B 440 39.83 -11.31 17.61
CA SER B 440 41.21 -11.64 17.29
C SER B 440 42.13 -10.48 17.53
N GLY B 441 43.41 -10.80 17.69
CA GLY B 441 44.39 -9.77 17.93
C GLY B 441 44.41 -9.27 19.35
N ASN B 442 43.76 -9.99 20.26
CA ASN B 442 43.73 -9.60 21.66
C ASN B 442 44.69 -10.54 22.37
N LYS B 443 45.95 -10.11 22.43
CA LYS B 443 47.05 -10.88 23.01
C LYS B 443 46.89 -11.43 24.42
N ASN B 444 46.03 -10.82 25.23
CA ASN B 444 45.81 -11.28 26.60
C ASN B 444 44.49 -12.00 26.82
N LEU B 445 43.62 -12.01 25.82
CA LEU B 445 42.31 -12.62 25.94
C LEU B 445 42.35 -14.13 26.13
N CYS B 446 41.65 -14.64 27.14
CA CYS B 446 41.68 -16.08 27.40
C CYS B 446 40.48 -17.01 27.35
N TYR B 447 39.24 -16.52 27.34
CA TYR B 447 38.15 -17.49 27.37
C TYR B 447 37.20 -17.56 26.20
N ALA B 448 37.31 -16.60 25.27
CA ALA B 448 36.43 -16.54 24.13
C ALA B 448 36.10 -17.90 23.53
N ASN B 449 37.02 -18.85 23.64
CA ASN B 449 36.78 -20.18 23.07
C ASN B 449 35.93 -21.18 23.84
N THR B 450 35.72 -20.90 25.13
CA THR B 450 34.96 -21.79 25.98
C THR B 450 33.47 -21.63 25.72
N ILE B 451 33.08 -20.48 25.16
CA ILE B 451 31.67 -20.24 24.88
C ILE B 451 31.17 -21.09 23.73
N ASN B 452 29.90 -21.48 23.82
CA ASN B 452 29.28 -22.24 22.75
C ASN B 452 28.53 -21.19 21.95
N TRP B 453 29.26 -20.43 21.15
CA TRP B 453 28.68 -19.37 20.36
C TRP B 453 27.46 -19.76 19.54
N LYS B 454 27.49 -20.94 18.91
CA LYS B 454 26.36 -21.39 18.11
C LYS B 454 25.04 -21.41 18.88
N LYS B 455 25.12 -21.39 20.19
CA LYS B 455 23.91 -21.40 21.02
C LYS B 455 23.25 -20.03 20.99
N LEU B 456 24.05 -18.99 20.77
CA LEU B 456 23.53 -17.64 20.74
C LEU B 456 23.12 -17.17 19.35
N PHE B 457 23.34 -18.02 18.35
CA PHE B 457 23.03 -17.69 16.95
C PHE B 457 21.62 -18.00 16.46
N GLY B 458 20.82 -16.96 16.25
CA GLY B 458 19.45 -17.15 15.78
C GLY B 458 19.24 -17.17 14.26
N THR B 459 20.32 -17.19 13.49
CA THR B 459 20.23 -17.21 12.03
C THR B 459 21.20 -18.22 11.40
N SER B 460 20.68 -19.02 10.47
CA SER B 460 21.51 -20.03 9.80
C SER B 460 22.72 -19.36 9.17
N GLY B 461 23.83 -20.09 9.12
CA GLY B 461 25.03 -19.54 8.52
C GLY B 461 26.03 -18.84 9.44
N GLN B 462 25.51 -18.19 10.48
CA GLN B 462 26.37 -17.48 11.42
C GLN B 462 27.58 -18.34 11.82
N LYS B 463 28.73 -17.69 11.95
CA LYS B 463 29.95 -18.38 12.35
C LYS B 463 30.86 -17.48 13.18
N THR B 464 31.88 -18.08 13.78
CA THR B 464 32.80 -17.33 14.60
C THR B 464 34.22 -17.40 14.03
N LYS B 465 35.03 -16.39 14.36
CA LYS B 465 36.41 -16.33 13.92
C LYS B 465 37.10 -15.85 15.18
N ILE B 466 37.56 -16.79 15.98
CA ILE B 466 38.18 -16.47 17.25
C ILE B 466 39.59 -17.03 17.28
N ILE B 467 40.51 -16.23 16.77
CA ILE B 467 41.90 -16.64 16.69
C ILE B 467 42.85 -15.51 17.05
N SER B 468 44.14 -15.83 17.03
CA SER B 468 45.20 -14.86 17.32
C SER B 468 45.00 -14.05 18.56
N ASN B 469 44.50 -14.66 19.61
CA ASN B 469 44.32 -13.96 20.88
C ASN B 469 45.40 -14.63 21.72
N ARG B 470 45.24 -14.69 23.04
CA ARG B 470 46.25 -15.35 23.86
C ARG B 470 46.02 -16.84 23.76
N GLY B 471 47.01 -17.55 23.20
CA GLY B 471 46.91 -18.98 23.02
C GLY B 471 46.34 -19.81 24.15
N GLU B 472 45.71 -20.91 23.77
CA GLU B 472 45.09 -21.84 24.72
C GLU B 472 46.05 -22.47 25.72
N ASN B 473 47.15 -23.02 25.20
CA ASN B 473 48.16 -23.68 26.02
C ASN B 473 48.81 -22.69 26.99
N SER B 474 48.77 -21.41 26.64
CA SER B 474 49.35 -20.38 27.46
C SER B 474 48.35 -20.02 28.56
N CYS B 475 47.07 -19.97 28.20
CA CYS B 475 46.04 -19.64 29.19
C CYS B 475 45.97 -20.72 30.27
N LYS B 476 46.08 -21.99 29.85
CA LYS B 476 46.05 -23.11 30.80
C LYS B 476 47.24 -23.07 31.74
N ALA B 477 48.44 -22.88 31.18
CA ALA B 477 49.69 -22.83 31.94
C ALA B 477 49.64 -21.90 33.16
N THR B 478 49.00 -20.75 33.01
CA THR B 478 48.89 -19.82 34.13
C THR B 478 47.54 -20.02 34.81
N GLY B 479 46.92 -21.17 34.53
CA GLY B 479 45.64 -21.49 35.14
C GLY B 479 44.59 -20.43 34.91
N GLN B 480 44.22 -20.25 33.65
CA GLN B 480 43.21 -19.26 33.31
C GLN B 480 42.24 -19.90 32.35
N VAL B 481 41.56 -20.89 32.89
CA VAL B 481 40.55 -21.64 32.19
C VAL B 481 39.32 -21.27 33.00
N CYS B 482 38.16 -21.80 32.63
CA CYS B 482 36.95 -21.49 33.38
C CYS B 482 37.00 -22.09 34.77
N HIS B 483 36.39 -21.41 35.73
CA HIS B 483 36.33 -21.86 37.11
C HIS B 483 35.79 -23.30 37.21
N ALA B 484 35.97 -23.91 38.37
CA ALA B 484 35.49 -25.27 38.60
C ALA B 484 33.97 -25.31 38.65
N LEU B 485 33.38 -24.24 39.18
CA LEU B 485 31.93 -24.15 39.28
C LEU B 485 31.25 -23.98 37.92
N CYS B 486 32.04 -23.77 36.86
CA CYS B 486 31.49 -23.58 35.52
C CYS B 486 31.40 -24.87 34.75
N SER B 487 31.49 -26.00 35.43
CA SER B 487 31.42 -27.30 34.75
C SER B 487 30.75 -27.22 33.35
N PRO B 488 29.63 -26.49 33.24
CA PRO B 488 28.87 -26.32 31.99
C PRO B 488 29.62 -26.06 30.67
N GLU B 489 29.24 -24.95 30.03
CA GLU B 489 29.79 -24.55 28.75
C GLU B 489 30.52 -23.21 28.74
N GLY B 490 31.78 -23.21 29.14
CA GLY B 490 32.55 -22.00 29.12
C GLY B 490 32.22 -20.91 30.11
N CYS B 491 32.91 -19.80 29.96
CA CYS B 491 32.74 -18.66 30.85
C CYS B 491 33.18 -17.39 30.13
N TRP B 492 32.97 -16.25 30.78
CA TRP B 492 33.36 -14.97 30.20
C TRP B 492 34.48 -14.39 31.04
N GLY B 493 34.94 -15.20 31.98
CA GLY B 493 36.00 -14.76 32.85
C GLY B 493 36.47 -15.89 33.73
N PRO B 494 37.32 -15.60 34.71
CA PRO B 494 37.85 -16.61 35.62
C PRO B 494 36.98 -16.80 36.88
N GLU B 495 36.32 -15.74 37.33
CA GLU B 495 35.49 -15.80 38.53
C GLU B 495 34.29 -16.75 38.33
N PRO B 496 33.65 -17.17 39.43
CA PRO B 496 32.50 -18.08 39.35
C PRO B 496 31.26 -17.51 38.64
N ARG B 497 31.01 -16.22 38.82
CA ARG B 497 29.84 -15.61 38.19
C ARG B 497 29.99 -15.37 36.71
N ASP B 498 31.17 -15.60 36.16
CA ASP B 498 31.35 -15.40 34.73
C ASP B 498 30.94 -16.68 34.02
N CYS B 499 30.46 -17.66 34.76
CA CYS B 499 30.02 -18.93 34.18
C CYS B 499 28.76 -18.69 33.33
N VAL B 500 28.43 -19.62 32.44
CA VAL B 500 27.23 -19.46 31.62
C VAL B 500 26.08 -20.20 32.29
N SER B 501 26.34 -21.43 32.71
CA SER B 501 25.33 -22.24 33.40
C SER B 501 25.93 -22.71 34.73
N VAL C 2 -53.56 -7.86 -17.10
CA VAL C 2 -53.78 -7.02 -18.31
C VAL C 2 -53.28 -7.74 -19.56
N SER C 3 -52.55 -7.02 -20.41
CA SER C 3 -52.03 -7.62 -21.63
C SER C 3 -50.62 -8.15 -21.33
N HIS C 4 -49.83 -7.36 -20.63
CA HIS C 4 -48.47 -7.74 -20.26
C HIS C 4 -48.52 -8.69 -19.07
N PHE C 5 -49.67 -8.71 -18.40
CA PHE C 5 -49.80 -9.54 -17.21
C PHE C 5 -50.90 -10.58 -17.26
N ASN C 6 -50.99 -11.34 -16.18
CA ASN C 6 -51.99 -12.39 -16.04
C ASN C 6 -52.03 -12.73 -14.56
N ASP C 7 -53.04 -13.49 -14.14
CA ASP C 7 -53.16 -13.86 -12.74
C ASP C 7 -51.87 -14.41 -12.19
N CYS C 8 -51.88 -14.62 -10.88
CA CYS C 8 -50.71 -15.11 -10.19
C CYS C 8 -51.15 -16.21 -9.24
N PRO C 9 -50.52 -17.39 -9.33
CA PRO C 9 -50.91 -18.49 -8.44
C PRO C 9 -50.69 -18.13 -6.97
N ASP C 10 -51.80 -17.85 -6.27
CA ASP C 10 -51.74 -17.46 -4.86
C ASP C 10 -51.31 -18.57 -3.89
N SER C 11 -50.03 -18.55 -3.54
CA SER C 11 -49.48 -19.55 -2.62
C SER C 11 -49.91 -19.24 -1.18
N HIS C 12 -49.63 -20.15 -0.27
CA HIS C 12 -49.99 -19.96 1.13
C HIS C 12 -49.28 -18.73 1.70
N THR C 13 -47.99 -18.61 1.41
CA THR C 13 -47.22 -17.44 1.85
C THR C 13 -47.20 -16.50 0.65
N GLN C 14 -47.56 -15.25 0.88
CA GLN C 14 -47.62 -14.26 -0.20
C GLN C 14 -46.26 -13.87 -0.78
N PHE C 15 -46.26 -13.55 -2.06
CA PHE C 15 -45.04 -13.13 -2.75
C PHE C 15 -44.82 -11.64 -2.50
N CYS C 16 -45.91 -10.87 -2.59
CA CYS C 16 -45.86 -9.45 -2.35
C CYS C 16 -46.44 -9.17 -0.97
N PHE C 17 -45.58 -8.86 -0.02
CA PHE C 17 -46.01 -8.59 1.33
C PHE C 17 -46.98 -7.44 1.46
N HIS C 18 -46.83 -6.40 0.65
CA HIS C 18 -47.74 -5.27 0.76
C HIS C 18 -48.11 -4.72 -0.60
N GLY C 19 -48.86 -5.51 -1.34
CA GLY C 19 -49.28 -5.14 -2.67
C GLY C 19 -49.74 -6.41 -3.33
N THR C 20 -50.17 -6.34 -4.57
CA THR C 20 -50.68 -7.53 -5.23
C THR C 20 -49.70 -8.13 -6.25
N CYS C 21 -49.70 -9.45 -6.35
CA CYS C 21 -48.83 -10.08 -7.33
C CYS C 21 -49.54 -10.05 -8.66
N ARG C 22 -48.75 -10.19 -9.72
CA ARG C 22 -49.23 -10.25 -11.09
C ARG C 22 -48.10 -10.93 -11.84
N PHE C 23 -48.46 -11.79 -12.78
CA PHE C 23 -47.46 -12.50 -13.55
C PHE C 23 -47.32 -11.77 -14.87
N LEU C 24 -46.11 -11.32 -15.18
CA LEU C 24 -45.96 -10.62 -16.44
C LEU C 24 -45.44 -11.60 -17.46
N VAL C 25 -46.26 -11.78 -18.48
CA VAL C 25 -46.05 -12.70 -19.59
C VAL C 25 -44.68 -12.73 -20.29
N GLN C 26 -44.28 -11.63 -20.90
CA GLN C 26 -43.00 -11.61 -21.62
C GLN C 26 -41.76 -12.05 -20.85
N GLU C 27 -41.68 -11.74 -19.56
CA GLU C 27 -40.51 -12.14 -18.79
C GLU C 27 -40.79 -13.45 -18.05
N ASP C 28 -42.06 -13.84 -18.07
CA ASP C 28 -42.51 -15.06 -17.42
C ASP C 28 -41.99 -15.16 -15.98
N LYS C 29 -42.51 -14.28 -15.14
CA LYS C 29 -42.14 -14.22 -13.74
C LYS C 29 -43.10 -13.28 -13.04
N PRO C 30 -43.25 -13.47 -11.72
CA PRO C 30 -44.14 -12.62 -10.96
C PRO C 30 -43.48 -11.32 -10.48
N ALA C 31 -44.28 -10.27 -10.39
CA ALA C 31 -43.82 -8.96 -9.93
C ALA C 31 -44.90 -8.42 -8.99
N CYS C 32 -44.66 -7.25 -8.42
CA CYS C 32 -45.62 -6.66 -7.51
C CYS C 32 -46.11 -5.27 -7.89
N VAL C 33 -47.16 -4.84 -7.20
CA VAL C 33 -47.74 -3.53 -7.34
C VAL C 33 -48.07 -3.24 -5.89
N CYS C 34 -47.12 -2.63 -5.19
CA CYS C 34 -47.25 -2.31 -3.77
C CYS C 34 -48.42 -1.42 -3.34
N HIS C 35 -48.82 -1.58 -2.09
CA HIS C 35 -49.88 -0.78 -1.50
C HIS C 35 -49.19 0.52 -1.14
N SER C 36 -49.88 1.64 -1.32
CA SER C 36 -49.32 2.94 -1.01
C SER C 36 -48.51 2.83 0.27
N GLY C 37 -47.29 3.37 0.24
CA GLY C 37 -46.47 3.35 1.43
C GLY C 37 -45.51 2.19 1.57
N TYR C 38 -45.20 1.53 0.46
CA TYR C 38 -44.27 0.41 0.51
C TYR C 38 -43.38 0.34 -0.71
N VAL C 39 -42.20 -0.22 -0.53
CA VAL C 39 -41.24 -0.33 -1.60
C VAL C 39 -40.53 -1.66 -1.53
N GLY C 40 -39.83 -2.00 -2.60
CA GLY C 40 -39.10 -3.25 -2.67
C GLY C 40 -39.53 -4.15 -3.80
N ALA C 41 -38.64 -5.05 -4.21
CA ALA C 41 -38.96 -6.00 -5.27
C ALA C 41 -40.15 -6.82 -4.85
N ARG C 42 -40.32 -7.04 -3.55
CA ARG C 42 -41.46 -7.78 -3.01
C ARG C 42 -42.32 -6.94 -2.08
N CYS C 43 -42.22 -5.61 -2.22
CA CYS C 43 -43.00 -4.67 -1.42
C CYS C 43 -42.88 -4.99 0.07
N GLU C 44 -41.66 -5.25 0.51
CA GLU C 44 -41.42 -5.63 1.90
C GLU C 44 -40.99 -4.48 2.80
N HIS C 45 -40.62 -3.36 2.21
CA HIS C 45 -40.18 -2.23 3.01
C HIS C 45 -41.16 -1.09 3.02
N ALA C 46 -41.30 -0.49 4.19
CA ALA C 46 -42.17 0.64 4.39
C ALA C 46 -41.35 1.87 4.00
N ASP C 47 -41.90 2.77 3.18
CA ASP C 47 -41.11 3.95 2.87
C ASP C 47 -41.14 4.76 4.15
N LEU C 48 -40.04 4.69 4.89
CA LEU C 48 -39.97 5.40 6.14
C LEU C 48 -40.16 6.88 5.87
N LEU C 49 -40.15 7.24 4.60
CA LEU C 49 -40.37 8.63 4.21
C LEU C 49 -41.88 8.83 4.21
N ALA C 50 -42.46 8.45 5.35
CA ALA C 50 -43.89 8.53 5.59
C ALA C 50 -44.25 9.95 6.01
N SER D 3 55.72 11.72 -7.68
CA SER D 3 55.30 12.63 -8.78
C SER D 3 53.85 13.05 -8.61
N HIS D 4 52.97 12.05 -8.48
CA HIS D 4 51.54 12.28 -8.30
C HIS D 4 51.31 12.67 -6.83
N PHE D 5 52.30 12.39 -5.99
CA PHE D 5 52.20 12.65 -4.57
C PHE D 5 53.17 13.69 -4.03
N ASN D 6 52.79 14.32 -2.92
CA ASN D 6 53.59 15.37 -2.28
C ASN D 6 53.85 15.02 -0.81
N ASP D 7 53.36 15.87 0.10
CA ASP D 7 53.52 15.69 1.53
C ASP D 7 52.33 16.36 2.22
N CYS D 8 51.84 15.77 3.30
CA CYS D 8 50.67 16.34 3.97
C CYS D 8 50.94 17.54 4.88
N PRO D 9 49.98 18.49 4.92
CA PRO D 9 49.99 19.73 5.70
C PRO D 9 50.09 19.55 7.22
N ASP D 10 49.30 20.36 7.93
CA ASP D 10 49.27 20.37 9.40
C ASP D 10 49.09 18.97 9.98
N SER D 11 50.21 18.28 10.18
CA SER D 11 50.19 16.92 10.71
C SER D 11 49.71 16.83 12.16
N HIS D 12 48.84 17.76 12.57
CA HIS D 12 48.31 17.76 13.94
C HIS D 12 47.45 16.50 14.10
N THR D 13 47.64 15.80 15.23
CA THR D 13 46.92 14.55 15.46
C THR D 13 47.38 13.63 14.33
N GLN D 14 46.57 13.52 13.28
CA GLN D 14 46.88 12.71 12.12
C GLN D 14 45.61 12.40 11.34
N PHE D 15 45.68 12.54 10.02
CA PHE D 15 44.53 12.26 9.17
C PHE D 15 44.33 10.76 9.09
N CYS D 16 45.40 10.03 8.74
CA CYS D 16 45.32 8.58 8.64
C CYS D 16 45.49 7.96 10.01
N PHE D 17 44.63 7.00 10.33
CA PHE D 17 44.69 6.36 11.63
C PHE D 17 45.64 5.18 11.65
N HIS D 18 45.82 4.53 10.51
CA HIS D 18 46.72 3.37 10.45
C HIS D 18 47.48 3.30 9.14
N GLY D 19 48.26 4.34 8.90
CA GLY D 19 49.06 4.41 7.69
C GLY D 19 49.66 5.79 7.59
N THR D 20 50.42 6.03 6.53
CA THR D 20 51.04 7.33 6.34
C THR D 20 50.25 8.22 5.39
N CYS D 21 50.27 9.51 5.69
CA CYS D 21 49.57 10.50 4.90
C CYS D 21 50.43 10.98 3.74
N ARG D 22 49.79 11.22 2.60
CA ARG D 22 50.47 11.70 1.40
C ARG D 22 49.51 12.62 0.68
N PHE D 23 50.04 13.67 0.05
CA PHE D 23 49.20 14.60 -0.66
C PHE D 23 49.18 14.27 -2.14
N LEU D 24 48.00 14.23 -2.72
CA LEU D 24 47.89 13.93 -4.15
C LEU D 24 48.04 15.20 -4.97
N VAL D 25 49.27 15.46 -5.38
CA VAL D 25 49.63 16.62 -6.17
C VAL D 25 48.51 16.90 -7.17
N GLN D 26 48.17 15.87 -7.93
CA GLN D 26 47.13 15.94 -8.94
C GLN D 26 45.76 16.36 -8.39
N GLU D 27 45.00 15.38 -7.91
CA GLU D 27 43.66 15.65 -7.38
C GLU D 27 43.61 16.71 -6.29
N ASP D 28 44.78 17.20 -5.89
CA ASP D 28 44.86 18.24 -4.86
C ASP D 28 44.01 17.87 -3.64
N LYS D 29 44.56 17.00 -2.80
CA LYS D 29 43.89 16.56 -1.57
C LYS D 29 44.67 15.43 -0.91
N PRO D 30 44.51 15.25 0.40
CA PRO D 30 45.19 14.21 1.16
C PRO D 30 44.54 12.84 0.98
N ALA D 31 45.39 11.82 0.91
CA ALA D 31 44.96 10.43 0.76
C ALA D 31 45.83 9.63 1.70
N CYS D 32 45.46 8.40 1.97
CA CYS D 32 46.26 7.59 2.87
C CYS D 32 46.80 6.35 2.24
N VAL D 33 47.72 5.72 2.95
CA VAL D 33 48.35 4.49 2.57
C VAL D 33 48.31 3.81 3.93
N CYS D 34 47.46 2.80 4.05
CA CYS D 34 47.29 2.09 5.31
C CYS D 34 48.33 1.03 5.55
N HIS D 35 48.59 0.75 6.82
CA HIS D 35 49.50 -0.31 7.23
C HIS D 35 48.70 -1.56 6.96
N SER D 36 49.35 -2.67 6.62
CA SER D 36 48.59 -3.88 6.35
C SER D 36 47.57 -4.19 7.45
N GLY D 37 46.40 -4.67 7.03
CA GLY D 37 45.35 -5.00 7.98
C GLY D 37 44.34 -3.91 8.26
N TYR D 38 44.33 -2.86 7.46
CA TYR D 38 43.39 -1.78 7.65
C TYR D 38 42.81 -1.25 6.36
N VAL D 39 41.66 -0.62 6.46
CA VAL D 39 40.99 -0.09 5.29
C VAL D 39 40.28 1.19 5.67
N GLY D 40 39.76 1.88 4.66
CA GLY D 40 39.05 3.12 4.90
C GLY D 40 39.75 4.35 4.37
N ALA D 41 38.96 5.34 4.00
CA ALA D 41 39.48 6.60 3.50
C ALA D 41 40.53 7.16 4.47
N ARG D 42 40.41 6.78 5.74
CA ARG D 42 41.34 7.24 6.75
C ARG D 42 42.00 6.07 7.46
N CYS D 43 41.93 4.89 6.85
CA CYS D 43 42.53 3.70 7.43
C CYS D 43 42.06 3.52 8.86
N GLU D 44 40.79 3.83 9.09
CA GLU D 44 40.21 3.75 10.42
C GLU D 44 39.76 2.37 10.85
N HIS D 45 39.46 1.51 9.88
CA HIS D 45 38.94 0.17 10.15
C HIS D 45 39.86 -1.02 9.95
N ALA D 46 39.84 -1.94 10.90
CA ALA D 46 40.61 -3.16 10.80
C ALA D 46 39.88 -3.97 9.74
N ASP D 47 40.60 -4.64 8.84
CA ASP D 47 39.90 -5.41 7.81
C ASP D 47 39.51 -6.77 8.37
N LEU D 48 38.42 -6.77 9.12
CA LEU D 48 37.93 -7.96 9.76
C LEU D 48 38.06 -9.24 8.94
N LEU D 49 37.97 -9.14 7.63
CA LEU D 49 38.13 -10.35 6.81
C LEU D 49 39.56 -10.87 6.95
N ALA D 50 39.80 -11.49 8.10
CA ALA D 50 41.08 -12.07 8.52
C ALA D 50 41.29 -11.65 9.97
C1 NAG E . -36.29 18.71 -7.91
C2 NAG E . -37.34 19.09 -6.88
C3 NAG E . -37.56 20.60 -7.00
C4 NAG E . -36.23 21.34 -6.75
C5 NAG E . -35.08 20.76 -7.60
C6 NAG E . -33.70 21.22 -7.09
C7 NAG E . -38.64 17.07 -6.75
C8 NAG E . -38.36 16.69 -5.30
N2 NAG E . -38.57 18.35 -7.09
O3 NAG E . -38.54 21.01 -6.06
O4 NAG E . -36.42 22.74 -7.07
O5 NAG E . -35.04 19.32 -7.54
O6 NAG E . -33.60 22.67 -7.13
O7 NAG E . -38.94 16.20 -7.57
C1 NAG E . -36.34 23.64 -6.02
C2 NAG E . -36.17 25.06 -6.55
C3 NAG E . -36.17 26.06 -5.39
C4 NAG E . -37.40 25.86 -4.50
C5 NAG E . -37.55 24.39 -4.09
C6 NAG E . -38.83 24.11 -3.33
C7 NAG E . -34.92 25.52 -8.56
C8 NAG E . -35.27 24.47 -9.60
N2 NAG E . -34.92 25.15 -7.29
O3 NAG E . -36.15 27.39 -5.90
O4 NAG E . -37.28 26.67 -3.33
O5 NAG E . -37.57 23.55 -5.27
O6 NAG E . -38.96 22.72 -3.08
O7 NAG E . -34.65 26.67 -8.92
C1 FUC E . -32.48 23.21 -6.47
C2 FUC E . -32.57 23.06 -4.96
C3 FUC E . -32.16 21.64 -4.52
C4 FUC E . -30.78 21.30 -5.09
C5 FUC E . -30.80 21.44 -6.61
C6 FUC E . -29.45 21.20 -7.25
O2 FUC E . -33.89 23.33 -4.50
O3 FUC E . -32.13 21.56 -3.10
O4 FUC E . -29.79 22.16 -4.54
O5 FUC E . -31.22 22.78 -7.00
C1 NAG F . -34.09 -16.52 5.61
C2 NAG F . -34.44 -15.83 4.28
C3 NAG F . -33.86 -16.64 3.13
C4 NAG F . -32.35 -16.82 3.32
C5 NAG F . -32.05 -17.39 4.71
C6 NAG F . -30.58 -17.44 5.00
C7 NAG F . -36.51 -14.60 4.38
C8 NAG F . -37.83 -14.37 3.66
N2 NAG F . -35.87 -15.74 4.11
O3 NAG F . -34.12 -15.98 1.91
O4 NAG F . -31.84 -17.73 2.32
O5 NAG F . -32.68 -16.58 5.74
O6 NAG F . -30.12 -16.22 5.55
O7 NAG F . -36.09 -13.75 5.18
C1 NAG F . -31.19 -17.19 1.23
C2 NAG F . -30.03 -18.08 0.84
C3 NAG F . -29.32 -17.44 -0.36
C4 NAG F . -30.32 -17.24 -1.52
C5 NAG F . -31.53 -16.45 -1.01
C6 NAG F . -32.63 -16.31 -2.04
C7 NAG F . -28.93 -19.43 2.51
C8 NAG F . -27.58 -19.65 3.18
N2 NAG F . -29.12 -18.23 1.95
O3 NAG F . -28.24 -18.26 -0.78
O4 NAG F . -29.67 -16.53 -2.60
O5 NAG F . -32.11 -17.10 0.14
O6 NAG F . -33.87 -16.01 -1.42
O7 NAG F . -29.78 -20.33 2.50
C1 BMA F . -30.19 -16.72 -3.89
C2 BMA F . -29.71 -15.57 -4.81
C3 BMA F . -30.11 -15.84 -6.28
C4 BMA F . -29.68 -17.25 -6.70
C5 BMA F . -30.21 -18.28 -5.72
C6 BMA F . -29.78 -19.69 -6.05
O2 BMA F . -28.30 -15.44 -4.73
O3 BMA F . -29.48 -14.86 -7.14
O4 BMA F . -30.17 -17.52 -8.01
O5 BMA F . -29.72 -17.99 -4.39
O6 BMA F . -30.64 -20.26 -7.03
C1 MAN F . -30.27 -13.91 -7.80
C2 MAN F . -31.23 -13.15 -6.85
C3 MAN F . -32.49 -13.98 -6.56
C4 MAN F . -33.13 -14.45 -7.86
C5 MAN F . -32.12 -15.23 -8.72
C6 MAN F . -32.70 -15.59 -10.07
O2 MAN F . -31.61 -11.91 -7.43
O3 MAN F . -33.41 -13.20 -5.81
O4 MAN F . -34.25 -15.29 -7.57
O5 MAN F . -30.95 -14.41 -8.96
O6 MAN F . -32.42 -16.95 -10.42
C1 NAG G . 38.39 -16.18 -7.73
C2 NAG G . 39.52 -16.91 -7.02
C3 NAG G . 40.05 -18.01 -7.94
C4 NAG G . 38.91 -18.94 -8.34
C5 NAG G . 37.71 -18.16 -8.90
C6 NAG G . 36.48 -19.05 -9.07
C7 NAG G . 40.86 -15.82 -5.35
C8 NAG G . 41.98 -16.67 -4.78
N2 NAG G . 40.57 -15.99 -6.65
O3 NAG G . 41.06 -18.75 -7.26
O4 NAG G . 39.37 -19.87 -9.34
O5 NAG G . 37.32 -17.09 -8.00
O6 NAG G . 36.02 -19.52 -7.78
O7 NAG G . 40.27 -15.01 -4.63
C1 NAG G . 39.05 -21.20 -9.08
C2 NAG G . 39.22 -22.04 -10.36
C3 NAG G . 38.99 -23.53 -10.05
C4 NAG G . 39.78 -23.99 -8.81
C5 NAG G . 39.59 -23.02 -7.63
C6 NAG G . 40.47 -23.34 -6.44
C7 NAG G . 38.60 -21.57 -12.65
C8 NAG G . 38.45 -22.86 -13.46
N2 NAG G . 38.27 -21.62 -11.36
O3 NAG G . 39.38 -24.31 -11.17
O4 NAG G . 39.33 -25.31 -8.40
O5 NAG G . 39.93 -21.68 -8.06
O6 NAG G . 39.69 -23.48 -5.27
O7 NAG G . 39.01 -20.55 -13.20
C1 BMA G . 39.83 -26.40 -9.10
C2 BMA G . 41.31 -26.62 -8.74
C3 BMA G . 41.83 -27.88 -9.43
C4 BMA G . 40.93 -29.07 -9.11
C5 BMA G . 39.46 -28.75 -9.45
C6 BMA G . 38.51 -29.86 -9.03
O2 BMA G . 41.44 -26.77 -7.33
O3 BMA G . 43.17 -28.14 -9.02
O4 BMA G . 41.35 -30.22 -9.85
O5 BMA G . 39.05 -27.55 -8.75
O6 BMA G . 37.19 -29.62 -9.52
C1 FUC G . 35.15 -20.60 -7.88
C2 FUC G . 34.86 -21.19 -6.48
C3 FUC G . 34.01 -20.21 -5.66
C4 FUC G . 32.74 -19.80 -6.43
C5 FUC G . 33.11 -19.29 -7.83
C6 FUC G . 31.89 -19.01 -8.69
O2 FUC G . 36.08 -21.44 -5.80
O3 FUC G . 33.64 -20.84 -4.44
O4 FUC G . 31.86 -20.91 -6.55
O5 FUC G . 33.91 -20.26 -8.53
C1 NAG H . 33.14 12.69 17.26
C2 NAG H . 33.52 12.42 15.81
C3 NAG H . 33.15 13.64 14.95
C4 NAG H . 31.67 14.02 15.12
C5 NAG H . 31.33 14.14 16.63
C6 NAG H . 29.86 14.34 16.88
C7 NAG H . 35.42 11.19 14.95
C8 NAG H . 34.72 10.94 13.61
N2 NAG H . 34.95 12.16 15.72
O3 NAG H . 33.42 13.38 13.58
O4 NAG H . 31.40 15.28 14.48
O5 NAG H . 31.73 12.93 17.33
O6 NAG H . 29.08 13.31 16.27
O7 NAG H . 36.40 10.51 15.25
C1 NAG H . 30.79 15.25 13.23
C2 NAG H . 29.93 16.50 13.02
C3 NAG H . 29.30 16.44 11.63
C4 NAG H . 30.37 16.30 10.57
C5 NAG H . 31.27 15.10 10.89
C6 NAG H . 32.44 14.97 9.94
C7 NAG H . 28.91 17.53 14.93
C8 NAG H . 27.57 17.91 15.54
N2 NAG H . 28.89 16.55 14.04
O3 NAG H . 28.55 17.62 11.39
O4 NAG H . 29.75 16.12 9.30
O5 NAG H . 31.81 15.23 12.22
O6 NAG H . 32.02 14.47 8.68
O7 NAG H . 29.94 18.12 15.27
PT PT I . -36.93 6.51 -2.39
PT PT J . -24.81 -7.47 -29.10
PT PT K . -7.11 1.86 23.41
CD CD L . -40.45 -2.59 30.81
CD CD M . -38.75 -5.35 28.62
CD CD N . -40.25 -6.08 33.31
CD CD O . -0.57 0.06 4.54
CL CL P . -42.71 -3.24 30.61
CL CL Q . -26.65 -20.37 8.30
CL CL R . -25.49 -19.44 5.76
C1 NAG S . 23.08 11.26 -34.29
C2 NAG S . 22.36 12.61 -34.20
C3 NAG S . 20.93 12.45 -34.68
C4 NAG S . 20.88 11.78 -36.07
C5 NAG S . 21.74 10.51 -36.10
C6 NAG S . 21.86 9.92 -37.51
C7 NAG S . 22.68 14.36 -32.56
C8 NAG S . 24.07 14.63 -32.01
N2 NAG S . 22.37 13.09 -32.82
O3 NAG S . 20.29 13.71 -34.74
O4 NAG S . 19.53 11.45 -36.40
O5 NAG S . 23.08 10.79 -35.64
O6 NAG S . 21.57 8.53 -37.52
O7 NAG S . 21.89 15.29 -32.75
PT PT T . -4.26 -5.59 7.66
PT PT U . 36.44 -4.92 1.43
PT PT V . 1.84 4.03 9.34
PT PT W . 30.41 15.00 -21.17
CD CD X . 39.80 23.38 11.80
CD CD Y . 34.27 -5.80 34.74
CD CD Z . 35.87 -9.79 40.77
CD CD AA . 24.75 16.49 19.06
CD CD BA . 24.63 -14.68 -12.33
CL CL CA . 25.28 -15.07 -14.36
CD CD DA . -50.70 -3.99 3.54
CD CD EA . 34.54 0.71 6.69
#